data_5QJV
#
_entry.id   5QJV
#
_cell.length_a   48.684
_cell.length_b   59.551
_cell.length_c   79.794
_cell.angle_alpha   79.840
_cell.angle_beta   82.090
_cell.angle_gamma   76.390
#
_symmetry.space_group_name_H-M   'P 1'
#
loop_
_entity.id
_entity.type
_entity.pdbx_description
1 polymer 'ADP-sugar pyrophosphatase'
2 non-polymer 'MAGNESIUM ION'
3 non-polymer 'CHLORIDE ION'
4 non-polymer 4-methoxy-N-methylpyrimidin-2-amine
5 non-polymer 1,2-ETHANEDIOL
6 water water
#
_entity_poly.entity_id   1
_entity_poly.type   'polypeptide(L)'
_entity_poly.pdbx_seq_one_letter_code
;SMESQEPTESSQNGKQYIISEELISEGKWVKLEKTTYMDPTGKTRTWESVKRTTRKEQTADGVAVIPVLQRTLHYECIVL
VKQFRPPMGGYCIEFPAGLIDDGETPEAAALRELEEETGYKGDIAECSPAVCMDPGLSNCTIHIVTVTINGDDAENARPK
PKPGDGEFVEVISLPKNDLLQRLDALVAEEHLTVDARVYSYALALKHAN
;
_entity_poly.pdbx_strand_id   A,B,C,D
#
loop_
_chem_comp.id
_chem_comp.type
_chem_comp.name
_chem_comp.formula
CL non-polymer 'CHLORIDE ION' 'Cl -1'
EDO non-polymer 1,2-ETHANEDIOL 'C2 H6 O2'
K2J non-polymer 4-methoxy-N-methylpyrimidin-2-amine 'C6 H9 N3 O'
MG non-polymer 'MAGNESIUM ION' 'Mg 2'
#
# COMPACT_ATOMS: atom_id res chain seq x y z
N LYS A 15 -44.38 11.75 10.33
CA LYS A 15 -45.41 11.88 9.28
C LYS A 15 -45.69 10.49 8.65
N GLN A 16 -44.67 9.79 8.16
CA GLN A 16 -44.87 8.53 7.41
C GLN A 16 -44.81 7.28 8.25
N TYR A 17 -45.58 6.28 7.82
CA TYR A 17 -45.72 5.06 8.60
C TYR A 17 -46.31 3.96 7.78
N ILE A 18 -46.12 2.75 8.27
CA ILE A 18 -46.65 1.53 7.71
C ILE A 18 -48.11 1.36 8.12
N ILE A 19 -48.92 1.01 7.14
CA ILE A 19 -50.34 0.67 7.32
C ILE A 19 -50.54 -0.84 7.35
N SER A 20 -49.99 -1.56 6.38
CA SER A 20 -50.09 -2.99 6.39
C SER A 20 -48.94 -3.65 5.65
N GLU A 21 -48.67 -4.91 5.97
CA GLU A 21 -47.68 -5.73 5.27
C GLU A 21 -48.34 -7.05 4.87
N GLU A 22 -48.53 -7.28 3.56
CA GLU A 22 -49.17 -8.48 3.04
C GLU A 22 -48.13 -9.44 2.47
N LEU A 23 -48.12 -10.68 2.97
CA LEU A 23 -47.21 -11.69 2.47
C LEU A 23 -47.55 -11.99 1.01
N ILE A 24 -46.54 -11.96 0.18
CA ILE A 24 -46.68 -12.40 -1.21
C ILE A 24 -46.13 -13.84 -1.32
N SER A 25 -44.89 -14.07 -0.89
CA SER A 25 -44.27 -15.38 -1.04
C SER A 25 -43.27 -15.58 0.07
N GLU A 26 -43.25 -16.75 0.69
CA GLU A 26 -42.41 -17.05 1.82
C GLU A 26 -41.62 -18.31 1.50
N GLY A 27 -40.28 -18.21 1.44
CA GLY A 27 -39.37 -19.37 1.42
C GLY A 27 -38.95 -19.84 2.79
N LYS A 28 -37.93 -20.70 2.86
CA LYS A 28 -37.35 -21.11 4.16
C LYS A 28 -36.57 -19.98 4.79
N TRP A 29 -35.97 -19.13 3.93
CA TRP A 29 -35.00 -18.11 4.34
C TRP A 29 -35.39 -16.64 4.09
N VAL A 30 -36.19 -16.40 3.06
CA VAL A 30 -36.52 -15.06 2.59
C VAL A 30 -38.02 -15.00 2.29
N LYS A 31 -38.67 -13.86 2.50
CA LYS A 31 -40.03 -13.63 2.08
C LYS A 31 -40.14 -12.29 1.39
N LEU A 32 -41.11 -12.21 0.49
CA LEU A 32 -41.48 -11.02 -0.22
C LEU A 32 -42.84 -10.52 0.27
N GLU A 33 -42.97 -9.23 0.53
CA GLU A 33 -44.18 -8.62 1.13
C GLU A 33 -44.59 -7.40 0.31
N LYS A 34 -45.92 -7.15 0.22
CA LYS A 34 -46.48 -5.94 -0.36
C LYS A 34 -46.71 -5.02 0.84
N THR A 35 -45.99 -3.91 0.89
CA THR A 35 -46.06 -3.02 2.02
C THR A 35 -46.97 -1.86 1.65
N THR A 36 -47.96 -1.57 2.48
CA THR A 36 -48.74 -0.35 2.35
C THR A 36 -48.35 0.63 3.42
N TYR A 37 -48.14 1.88 3.01
CA TYR A 37 -47.72 2.94 3.91
C TYR A 37 -48.30 4.29 3.54
N MET A 38 -48.23 5.21 4.49
CA MET A 38 -48.77 6.56 4.32
C MET A 38 -47.64 7.50 3.95
N ASP A 39 -47.82 8.17 2.82
CA ASP A 39 -46.84 9.15 2.35
C ASP A 39 -47.09 10.45 3.09
N PRO A 40 -46.18 11.43 2.98
CA PRO A 40 -46.30 12.63 3.81
C PRO A 40 -47.37 13.60 3.36
N THR A 41 -47.82 13.49 2.09
CA THR A 41 -49.01 14.23 1.61
C THR A 41 -50.34 13.71 2.22
N GLY A 42 -50.32 12.55 2.90
CA GLY A 42 -51.53 11.87 3.36
C GLY A 42 -52.09 10.82 2.41
N LYS A 43 -51.38 10.49 1.33
CA LYS A 43 -51.76 9.44 0.40
C LYS A 43 -51.17 8.07 0.79
N THR A 44 -52.01 7.03 0.62
CA THR A 44 -51.63 5.62 0.68
C THR A 44 -50.78 5.20 -0.56
N ARG A 45 -49.62 4.58 -0.32
CA ARG A 45 -48.77 4.04 -1.37
C ARG A 45 -48.31 2.61 -1.01
N THR A 46 -47.78 1.88 -2.00
CA THR A 46 -47.26 0.53 -1.78
C THR A 46 -45.77 0.39 -2.18
N TRP A 47 -45.16 -0.63 -1.63
CA TRP A 47 -43.75 -0.96 -1.90
C TRP A 47 -43.63 -2.47 -1.88
N GLU A 48 -42.68 -3.00 -2.59
CA GLU A 48 -42.35 -4.40 -2.51
C GLU A 48 -41.13 -4.56 -1.62
N SER A 49 -41.30 -5.27 -0.51
CA SER A 49 -40.29 -5.36 0.55
C SER A 49 -39.86 -6.81 0.74
N VAL A 50 -38.55 -6.97 1.01
CA VAL A 50 -37.95 -8.24 1.28
C VAL A 50 -37.61 -8.28 2.78
N LYS A 51 -37.80 -9.45 3.36
CA LYS A 51 -37.38 -9.69 4.73
C LYS A 51 -36.78 -11.06 4.83
N ARG A 52 -35.89 -11.25 5.79
CA ARG A 52 -35.52 -12.61 6.15
C ARG A 52 -36.58 -13.23 7.06
N THR A 53 -36.69 -14.56 7.01
CA THR A 53 -37.59 -15.31 7.89
C THR A 53 -36.93 -15.74 9.21
N THR A 54 -35.63 -15.53 9.30
CA THR A 54 -34.81 -15.98 10.42
C THR A 54 -34.72 -15.00 11.64
N ARG A 55 -35.29 -13.81 11.59
CA ARG A 55 -35.02 -12.83 12.64
C ARG A 55 -36.04 -13.00 13.71
N LYS A 56 -35.64 -13.06 14.97
CA LYS A 56 -36.64 -13.28 16.03
C LYS A 56 -36.62 -12.08 16.93
N GLU A 57 -35.89 -12.18 18.04
CA GLU A 57 -35.72 -11.08 19.00
C GLU A 57 -34.37 -10.34 18.82
N GLN A 58 -33.50 -10.78 17.90
CA GLN A 58 -32.19 -10.15 17.74
C GLN A 58 -32.37 -8.70 17.37
N THR A 59 -31.43 -7.87 17.80
CA THR A 59 -31.49 -6.45 17.51
C THR A 59 -31.11 -6.15 16.05
N ALA A 60 -30.69 -7.20 15.33
CA ALA A 60 -30.43 -7.14 13.91
C ALA A 60 -30.41 -8.55 13.39
N ASP A 61 -30.44 -8.69 12.08
CA ASP A 61 -30.28 -10.00 11.51
C ASP A 61 -28.93 -10.65 11.73
N GLY A 62 -27.88 -9.85 11.55
CA GLY A 62 -26.55 -10.36 11.54
C GLY A 62 -25.49 -9.38 12.07
N VAL A 63 -24.26 -9.79 11.91
CA VAL A 63 -23.10 -8.99 12.18
C VAL A 63 -22.13 -9.03 11.00
N ALA A 64 -21.41 -7.92 10.81
CA ALA A 64 -20.21 -7.93 9.94
C ALA A 64 -19.06 -7.52 10.88
N VAL A 65 -17.89 -8.10 10.68
CA VAL A 65 -16.79 -7.83 11.56
C VAL A 65 -15.73 -7.04 10.79
N ILE A 66 -15.26 -5.95 11.39
CA ILE A 66 -14.11 -5.22 10.84
C ILE A 66 -12.91 -5.71 11.67
N PRO A 67 -12.09 -6.62 11.14
CA PRO A 67 -11.07 -7.29 11.96
C PRO A 67 -9.69 -6.70 11.68
N VAL A 68 -9.18 -5.97 12.66
CA VAL A 68 -7.91 -5.22 12.48
C VAL A 68 -6.82 -6.08 13.03
N LEU A 69 -6.00 -6.67 12.14
CA LEU A 69 -4.93 -7.58 12.55
C LEU A 69 -3.72 -6.77 12.92
N GLN A 70 -3.27 -6.88 14.18
CA GLN A 70 -2.18 -6.03 14.70
C GLN A 70 -1.04 -6.92 15.08
N ARG A 71 0.16 -6.55 14.63
CA ARG A 71 1.33 -7.36 14.85
C ARG A 71 2.51 -6.47 14.98
N THR A 72 3.40 -6.82 15.90
CA THR A 72 4.59 -5.96 16.12
C THR A 72 5.43 -5.91 14.83
N LEU A 73 5.82 -4.70 14.46
CA LEU A 73 6.67 -4.41 13.31
C LEU A 73 6.02 -4.82 11.98
N HIS A 74 4.68 -4.85 12.02
CA HIS A 74 3.86 -4.98 10.78
C HIS A 74 2.87 -3.84 10.72
N TYR A 75 2.54 -3.46 9.48
CA TYR A 75 1.46 -2.58 9.27
C TYR A 75 0.16 -3.33 9.63
N GLU A 76 -0.81 -2.59 10.11
CA GLU A 76 -2.16 -3.17 10.48
C GLU A 76 -2.79 -3.70 9.22
N CYS A 77 -3.43 -4.86 9.30
CA CYS A 77 -4.16 -5.42 8.16
C CYS A 77 -5.64 -5.48 8.49
N ILE A 78 -6.45 -5.43 7.44
CA ILE A 78 -7.89 -5.66 7.56
C ILE A 78 -8.08 -7.06 7.04
N VAL A 79 -8.73 -7.93 7.81
CA VAL A 79 -8.90 -9.29 7.39
C VAL A 79 -10.27 -9.42 6.71
N LEU A 80 -10.27 -9.98 5.50
CA LEU A 80 -11.45 -10.08 4.63
C LEU A 80 -11.60 -11.56 4.25
N VAL A 81 -12.78 -11.88 3.77
CA VAL A 81 -13.04 -13.21 3.30
C VAL A 81 -13.57 -13.15 1.88
N LYS A 82 -13.27 -14.21 1.16
CA LYS A 82 -13.72 -14.41 -0.25
C LYS A 82 -14.52 -15.70 -0.30
N GLN A 83 -15.75 -15.65 -0.81
CA GLN A 83 -16.63 -16.80 -0.84
C GLN A 83 -17.45 -16.73 -2.09
N PHE A 84 -17.95 -17.87 -2.54
CA PHE A 84 -18.97 -17.88 -3.59
C PHE A 84 -20.32 -17.49 -2.95
N ARG A 85 -21.00 -16.60 -3.60
CA ARG A 85 -22.31 -16.10 -3.23
C ARG A 85 -23.34 -16.40 -4.30
N PRO A 86 -24.15 -17.45 -4.06
CA PRO A 86 -25.18 -17.82 -5.06
C PRO A 86 -26.01 -16.65 -5.61
N PRO A 87 -26.51 -15.69 -4.77
CA PRO A 87 -27.27 -14.58 -5.38
C PRO A 87 -26.53 -13.78 -6.39
N MET A 88 -25.21 -13.69 -6.23
CA MET A 88 -24.38 -12.95 -7.17
C MET A 88 -23.89 -13.75 -8.33
N GLY A 89 -23.99 -15.08 -8.29
CA GLY A 89 -23.38 -15.96 -9.31
C GLY A 89 -21.86 -15.83 -9.41
N GLY A 90 -21.15 -15.63 -8.29
CA GLY A 90 -19.71 -15.39 -8.33
C GLY A 90 -19.17 -15.11 -6.94
N TYR A 91 -17.86 -14.95 -6.89
CA TYR A 91 -17.07 -14.76 -5.71
C TYR A 91 -17.10 -13.29 -5.28
N CYS A 92 -17.15 -13.08 -3.97
CA CYS A 92 -17.25 -11.71 -3.43
C CYS A 92 -16.28 -11.58 -2.32
N ILE A 93 -15.74 -10.38 -2.15
CA ILE A 93 -14.80 -10.08 -1.05
C ILE A 93 -15.56 -9.22 -0.05
N GLU A 94 -15.60 -9.68 1.22
CA GLU A 94 -16.46 -9.10 2.23
C GLU A 94 -15.78 -9.13 3.61
N PHE A 95 -16.30 -8.29 4.50
CA PHE A 95 -16.00 -8.49 5.93
C PHE A 95 -16.52 -9.84 6.37
N PRO A 96 -15.80 -10.54 7.28
CA PRO A 96 -16.37 -11.74 7.89
C PRO A 96 -17.72 -11.42 8.50
N ALA A 97 -18.66 -12.33 8.41
CA ALA A 97 -20.06 -11.98 8.72
C ALA A 97 -20.91 -13.22 8.83
N GLY A 98 -21.98 -13.10 9.60
CA GLY A 98 -23.04 -14.11 9.66
C GLY A 98 -24.24 -13.64 10.42
N LEU A 99 -25.26 -14.51 10.46
CA LEU A 99 -26.45 -14.18 11.20
C LEU A 99 -26.22 -14.34 12.72
N ILE A 100 -26.94 -13.60 13.52
CA ILE A 100 -26.84 -13.72 14.98
C ILE A 100 -27.76 -14.89 15.36
N ASP A 101 -27.23 -15.89 16.08
CA ASP A 101 -28.07 -17.02 16.56
C ASP A 101 -29.05 -16.51 17.62
N ASP A 102 -30.21 -17.17 17.76
CA ASP A 102 -31.20 -16.74 18.76
C ASP A 102 -30.55 -16.68 20.16
N GLY A 103 -30.71 -15.56 20.85
CA GLY A 103 -30.16 -15.35 22.19
C GLY A 103 -28.69 -14.99 22.27
N GLU A 104 -28.04 -14.88 21.13
CA GLU A 104 -26.64 -14.60 21.09
C GLU A 104 -26.47 -13.07 21.05
N THR A 105 -25.43 -12.56 21.70
CA THR A 105 -25.21 -11.15 21.63
C THR A 105 -24.52 -10.81 20.24
N PRO A 106 -24.69 -9.59 19.76
CA PRO A 106 -23.93 -9.19 18.53
C PRO A 106 -22.43 -9.37 18.68
N GLU A 107 -21.85 -8.98 19.81
CA GLU A 107 -20.42 -9.19 20.04
C GLU A 107 -19.99 -10.65 19.96
N ALA A 108 -20.74 -11.50 20.62
CA ALA A 108 -20.44 -12.94 20.62
C ALA A 108 -20.54 -13.49 19.19
N ALA A 109 -21.58 -13.08 18.47
CA ALA A 109 -21.76 -13.53 17.10
C ALA A 109 -20.54 -13.13 16.26
N ALA A 110 -20.11 -11.88 16.45
CA ALA A 110 -18.96 -11.35 15.71
C ALA A 110 -17.70 -12.09 15.97
N LEU A 111 -17.40 -12.32 17.24
CA LEU A 111 -16.22 -13.07 17.56
C LEU A 111 -16.31 -14.52 17.08
N ARG A 112 -17.46 -15.16 17.22
CA ARG A 112 -17.64 -16.52 16.73
C ARG A 112 -17.49 -16.64 15.19
N GLU A 113 -18.16 -15.79 14.45
CA GLU A 113 -18.08 -15.80 12.99
C GLU A 113 -16.67 -15.49 12.51
N LEU A 114 -16.00 -14.53 13.14
CA LEU A 114 -14.60 -14.26 12.82
C LEU A 114 -13.75 -15.53 12.99
N GLU A 115 -13.88 -16.23 14.13
CA GLU A 115 -13.10 -17.44 14.34
C GLU A 115 -13.43 -18.53 13.34
N GLU A 116 -14.73 -18.74 13.11
CA GLU A 116 -15.19 -19.74 12.15
C GLU A 116 -14.70 -19.49 10.73
N GLU A 117 -14.74 -18.24 10.31
CA GLU A 117 -14.43 -17.88 8.91
C GLU A 117 -12.94 -17.71 8.62
N THR A 118 -12.20 -17.32 9.65
CA THR A 118 -10.80 -16.95 9.50
C THR A 118 -9.79 -17.69 10.35
N GLY A 119 -10.25 -18.32 11.42
CA GLY A 119 -9.37 -18.88 12.40
C GLY A 119 -8.88 -17.95 13.49
N TYR A 120 -9.01 -16.63 13.30
CA TYR A 120 -8.54 -15.68 14.26
C TYR A 120 -9.47 -15.52 15.47
N LYS A 121 -8.84 -15.35 16.65
CA LYS A 121 -9.50 -14.98 17.86
C LYS A 121 -9.29 -13.50 18.16
N GLY A 122 -10.36 -12.74 18.06
CA GLY A 122 -10.32 -11.31 18.20
C GLY A 122 -10.64 -10.87 19.58
N ASP A 123 -10.53 -9.58 19.81
CA ASP A 123 -10.95 -8.88 21.03
C ASP A 123 -11.85 -7.75 20.60
N ILE A 124 -12.99 -7.64 21.22
CA ILE A 124 -13.95 -6.59 20.89
C ILE A 124 -13.36 -5.20 21.05
N ALA A 125 -13.54 -4.35 20.05
CA ALA A 125 -13.27 -2.91 20.15
C ALA A 125 -14.47 -2.07 20.28
N GLU A 126 -15.43 -2.22 19.36
CA GLU A 126 -16.64 -1.43 19.38
C GLU A 126 -17.72 -2.19 18.63
N CYS A 127 -18.92 -1.79 18.92
CA CYS A 127 -20.15 -2.37 18.33
C CYS A 127 -21.11 -1.29 17.89
N SER A 128 -21.51 -1.29 16.61
CA SER A 128 -22.39 -0.24 16.12
C SER A 128 -23.81 -0.51 16.55
N PRO A 129 -24.67 0.49 16.47
CA PRO A 129 -26.08 0.15 16.47
C PRO A 129 -26.48 -0.65 15.18
N ALA A 130 -27.67 -1.19 15.19
CA ALA A 130 -28.21 -1.86 14.03
C ALA A 130 -28.25 -0.91 12.86
N VAL A 131 -27.61 -1.32 11.78
CA VAL A 131 -27.51 -0.50 10.55
C VAL A 131 -28.09 -1.24 9.35
N CYS A 132 -28.65 -0.49 8.38
CA CYS A 132 -29.43 -1.16 7.32
C CYS A 132 -28.59 -1.50 6.11
N MET A 133 -28.85 -2.69 5.58
CA MET A 133 -28.15 -3.21 4.45
C MET A 133 -28.53 -2.60 3.10
N ASP A 134 -29.83 -2.49 2.83
CA ASP A 134 -30.29 -2.00 1.52
C ASP A 134 -31.74 -1.56 1.74
N PRO A 135 -31.95 -0.38 2.34
CA PRO A 135 -33.22 -0.08 3.01
C PRO A 135 -34.36 0.20 2.01
N GLY A 136 -34.02 0.49 0.76
CA GLY A 136 -35.04 0.54 -0.32
C GLY A 136 -35.54 -0.80 -0.79
N LEU A 137 -34.91 -1.88 -0.37
CA LEU A 137 -35.24 -3.24 -0.79
C LEU A 137 -35.71 -4.11 0.38
N SER A 138 -34.95 -4.12 1.48
CA SER A 138 -35.15 -5.10 2.55
C SER A 138 -35.12 -4.39 3.91
N ASN A 139 -35.57 -5.13 4.91
CA ASN A 139 -35.47 -4.65 6.29
C ASN A 139 -34.19 -5.15 6.96
N CYS A 140 -33.29 -5.74 6.19
CA CYS A 140 -32.14 -6.44 6.77
C CYS A 140 -31.21 -5.45 7.45
N THR A 141 -30.77 -5.88 8.62
CA THR A 141 -29.89 -5.05 9.43
C THR A 141 -28.76 -5.90 9.99
N ILE A 142 -27.66 -5.20 10.31
CA ILE A 142 -26.50 -5.80 10.98
C ILE A 142 -25.99 -4.88 12.07
N HIS A 143 -25.27 -5.47 13.02
CA HIS A 143 -24.24 -4.69 13.77
C HIS A 143 -22.89 -4.85 13.11
N ILE A 144 -22.19 -3.74 12.96
CA ILE A 144 -20.84 -3.72 12.52
C ILE A 144 -19.99 -3.70 13.78
N VAL A 145 -19.22 -4.75 13.94
CA VAL A 145 -18.41 -4.95 15.16
C VAL A 145 -16.95 -4.87 14.80
N THR A 146 -16.28 -3.89 15.39
CA THR A 146 -14.83 -3.72 15.18
C THR A 146 -14.14 -4.57 16.22
N VAL A 147 -13.20 -5.38 15.77
CA VAL A 147 -12.45 -6.28 16.57
C VAL A 147 -10.99 -6.14 16.25
N THR A 148 -10.12 -6.11 17.24
CA THR A 148 -8.68 -6.20 17.03
C THR A 148 -8.22 -7.66 17.19
N ILE A 149 -7.23 -8.06 16.41
CA ILE A 149 -6.64 -9.33 16.48
C ILE A 149 -5.18 -9.15 16.89
N ASN A 150 -4.79 -9.79 18.00
CA ASN A 150 -3.40 -9.71 18.43
C ASN A 150 -2.66 -10.78 17.68
N GLY A 151 -2.03 -10.40 16.55
CA GLY A 151 -1.31 -11.33 15.75
C GLY A 151 0.01 -11.84 16.36
N ASP A 152 0.45 -11.23 17.45
CA ASP A 152 1.62 -11.75 18.20
C ASP A 152 1.24 -12.95 19.11
N ASP A 153 -0.05 -13.12 19.42
CA ASP A 153 -0.46 -14.19 20.33
C ASP A 153 -0.41 -15.53 19.62
N ALA A 154 0.03 -16.56 20.33
CA ALA A 154 0.32 -17.85 19.70
C ALA A 154 -0.96 -18.51 19.14
N GLU A 155 -2.10 -18.21 19.78
CA GLU A 155 -3.43 -18.60 19.30
C GLU A 155 -3.74 -18.15 17.85
N ASN A 156 -3.09 -17.09 17.40
CA ASN A 156 -3.35 -16.47 16.12
C ASN A 156 -2.19 -16.61 15.16
N ALA A 157 -1.30 -17.59 15.42
CA ALA A 157 -0.06 -17.76 14.63
C ALA A 157 -0.36 -18.42 13.32
N ARG A 158 -0.92 -19.64 13.37
CA ARG A 158 -1.25 -20.38 12.14
C ARG A 158 -2.76 -20.68 12.08
N PRO A 159 -3.62 -19.62 12.06
CA PRO A 159 -5.08 -19.78 12.16
C PRO A 159 -5.71 -20.64 11.02
N LYS A 160 -6.65 -21.52 11.37
CA LYS A 160 -7.39 -22.34 10.38
C LYS A 160 -8.90 -22.01 10.47
N PRO A 161 -9.53 -21.61 9.32
CA PRO A 161 -11.01 -21.58 9.34
C PRO A 161 -11.66 -22.87 9.90
N LYS A 162 -12.70 -22.74 10.71
CA LYS A 162 -13.53 -23.87 11.17
C LYS A 162 -14.90 -23.63 10.59
N PRO A 163 -15.03 -23.79 9.26
CA PRO A 163 -16.26 -23.36 8.63
C PRO A 163 -17.42 -24.36 8.87
N GLY A 164 -18.64 -23.83 8.95
CA GLY A 164 -19.83 -24.65 9.15
C GLY A 164 -20.20 -25.51 7.94
N ASP A 165 -21.38 -26.12 8.02
CA ASP A 165 -21.93 -26.97 6.94
C ASP A 165 -22.23 -26.12 5.67
N GLY A 166 -21.56 -26.43 4.55
CA GLY A 166 -21.76 -25.69 3.30
C GLY A 166 -21.15 -24.28 3.29
N GLU A 167 -20.08 -24.09 4.06
CA GLU A 167 -19.33 -22.84 4.15
C GLU A 167 -17.94 -23.10 3.63
N PHE A 168 -17.47 -22.25 2.71
CA PHE A 168 -16.21 -22.45 1.99
C PHE A 168 -15.51 -21.12 1.77
N VAL A 169 -14.61 -20.78 2.67
CA VAL A 169 -14.12 -19.42 2.79
C VAL A 169 -12.58 -19.32 2.65
N GLU A 170 -12.15 -18.31 1.91
CA GLU A 170 -10.73 -17.95 1.75
C GLU A 170 -10.51 -16.64 2.47
N VAL A 171 -9.42 -16.56 3.21
CA VAL A 171 -9.03 -15.37 3.97
C VAL A 171 -8.04 -14.55 3.19
N ILE A 172 -8.27 -13.24 3.13
CA ILE A 172 -7.43 -12.27 2.44
C ILE A 172 -7.17 -11.12 3.38
N SER A 173 -5.92 -10.99 3.84
CA SER A 173 -5.53 -9.93 4.73
C SER A 173 -4.75 -8.86 3.99
N LEU A 174 -5.25 -7.64 3.99
CA LEU A 174 -4.69 -6.55 3.21
C LEU A 174 -4.29 -5.43 4.12
N PRO A 175 -3.15 -4.75 3.85
CA PRO A 175 -2.83 -3.60 4.70
C PRO A 175 -3.76 -2.46 4.68
N LYS A 176 -4.11 -1.98 5.88
CA LYS A 176 -5.04 -0.92 6.06
C LYS A 176 -4.60 0.34 5.30
N ASN A 177 -3.27 0.57 5.30
CA ASN A 177 -2.70 1.77 4.74
C ASN A 177 -2.76 1.79 3.21
N ASP A 178 -3.15 0.70 2.57
CA ASP A 178 -3.22 0.64 1.08
C ASP A 178 -4.47 -0.13 0.66
N LEU A 179 -5.54 -0.13 1.47
CA LEU A 179 -6.57 -1.10 1.25
C LEU A 179 -7.29 -0.93 -0.14
N LEU A 180 -7.62 0.31 -0.47
CA LEU A 180 -8.37 0.60 -1.70
C LEU A 180 -7.57 0.14 -2.93
N GLN A 181 -6.28 0.45 -2.96
CA GLN A 181 -5.45 0.05 -4.10
C GLN A 181 -5.30 -1.43 -4.19
N ARG A 182 -5.23 -2.12 -3.03
CA ARG A 182 -5.07 -3.56 -3.04
C ARG A 182 -6.34 -4.27 -3.49
N LEU A 183 -7.48 -3.66 -3.12
CA LEU A 183 -8.80 -4.15 -3.52
C LEU A 183 -8.96 -3.99 -5.04
N ASP A 184 -8.65 -2.79 -5.49
CA ASP A 184 -8.64 -2.50 -6.97
C ASP A 184 -7.76 -3.46 -7.72
N ALA A 185 -6.55 -3.68 -7.24
CA ALA A 185 -5.67 -4.70 -7.83
C ALA A 185 -6.29 -6.10 -7.92
N LEU A 186 -6.95 -6.55 -6.84
CA LEU A 186 -7.68 -7.81 -6.87
C LEU A 186 -8.82 -7.89 -7.89
N VAL A 187 -9.57 -6.80 -8.03
CA VAL A 187 -10.65 -6.69 -8.98
C VAL A 187 -10.05 -6.70 -10.39
N ALA A 188 -8.89 -6.06 -10.56
CA ALA A 188 -8.22 -6.07 -11.90
C ALA A 188 -7.84 -7.50 -12.35
N GLU A 189 -7.40 -8.35 -11.42
CA GLU A 189 -6.80 -9.67 -11.71
C GLU A 189 -7.71 -10.91 -11.74
N GLU A 190 -8.92 -10.80 -11.18
CA GLU A 190 -9.93 -11.88 -11.25
C GLU A 190 -11.37 -11.39 -11.43
N HIS A 191 -12.26 -12.34 -11.74
CA HIS A 191 -13.70 -12.06 -11.74
C HIS A 191 -14.20 -12.19 -10.31
N LEU A 192 -14.58 -11.05 -9.74
CA LEU A 192 -15.09 -11.05 -8.39
C LEU A 192 -15.56 -9.65 -8.09
N THR A 193 -16.30 -9.54 -6.99
CA THR A 193 -16.97 -8.31 -6.64
C THR A 193 -16.57 -7.93 -5.22
N VAL A 194 -16.25 -6.68 -5.03
CA VAL A 194 -16.03 -6.23 -3.66
C VAL A 194 -17.36 -5.80 -3.06
N ASP A 195 -17.54 -6.11 -1.77
CA ASP A 195 -18.69 -5.63 -1.03
C ASP A 195 -18.68 -4.14 -0.86
N ALA A 196 -19.86 -3.57 -0.94
CA ALA A 196 -20.04 -2.14 -0.83
C ALA A 196 -19.62 -1.54 0.56
N ARG A 197 -19.79 -2.29 1.62
CA ARG A 197 -19.31 -1.81 2.94
C ARG A 197 -17.77 -1.83 3.00
N VAL A 198 -17.14 -2.86 2.46
CA VAL A 198 -15.70 -2.96 2.38
C VAL A 198 -15.15 -1.80 1.53
N TYR A 199 -15.81 -1.52 0.41
CA TYR A 199 -15.35 -0.48 -0.48
C TYR A 199 -15.49 0.91 0.16
N SER A 200 -16.57 1.10 0.87
CA SER A 200 -16.85 2.34 1.55
C SER A 200 -15.77 2.60 2.60
N TYR A 201 -15.46 1.55 3.34
CA TYR A 201 -14.44 1.61 4.41
C TYR A 201 -13.07 1.96 3.77
N ALA A 202 -12.70 1.28 2.69
CA ALA A 202 -11.47 1.56 1.95
C ALA A 202 -11.39 3.00 1.37
N LEU A 203 -12.50 3.50 0.84
CA LEU A 203 -12.57 4.88 0.39
C LEU A 203 -12.31 5.89 1.51
N ALA A 204 -12.99 5.71 2.66
CA ALA A 204 -12.78 6.65 3.77
C ALA A 204 -11.32 6.62 4.28
N LEU A 205 -10.67 5.45 4.28
CA LEU A 205 -9.27 5.34 4.69
C LEU A 205 -8.40 6.17 3.74
N LYS A 206 -8.73 6.17 2.45
CA LYS A 206 -8.06 7.09 1.51
C LYS A 206 -8.40 8.54 1.81
N HIS A 207 -9.68 8.84 1.99
CA HIS A 207 -10.16 10.21 2.12
C HIS A 207 -9.69 10.86 3.44
N ALA A 208 -9.41 10.05 4.46
CA ALA A 208 -8.89 10.59 5.69
C ALA A 208 -7.42 10.99 5.40
N LYS B 15 -14.28 -23.00 -9.15
CA LYS B 15 -14.73 -24.27 -8.48
C LYS B 15 -16.25 -24.26 -8.28
N GLN B 16 -16.83 -23.16 -7.76
CA GLN B 16 -18.30 -23.11 -7.58
C GLN B 16 -18.98 -22.36 -8.70
N TYR B 17 -20.20 -22.74 -8.99
CA TYR B 17 -20.93 -22.08 -10.04
C TYR B 17 -22.41 -22.39 -9.95
N ILE B 18 -23.16 -21.58 -10.67
CA ILE B 18 -24.59 -21.64 -10.81
C ILE B 18 -24.94 -22.73 -11.87
N ILE B 19 -25.84 -23.63 -11.53
CA ILE B 19 -26.40 -24.64 -12.46
C ILE B 19 -27.72 -24.13 -13.04
N SER B 20 -28.63 -23.65 -12.19
CA SER B 20 -29.93 -23.15 -12.63
C SER B 20 -30.59 -22.18 -11.66
N GLU B 21 -31.57 -21.44 -12.15
CA GLU B 21 -32.29 -20.46 -11.34
C GLU B 21 -33.77 -20.74 -11.62
N GLU B 22 -34.51 -21.00 -10.57
CA GLU B 22 -35.95 -21.18 -10.64
C GLU B 22 -36.68 -19.95 -10.13
N LEU B 23 -37.49 -19.32 -10.97
CA LEU B 23 -38.38 -18.24 -10.47
C LEU B 23 -39.40 -18.71 -9.40
N ILE B 24 -39.36 -18.14 -8.21
CA ILE B 24 -40.35 -18.44 -7.18
C ILE B 24 -41.51 -17.43 -7.26
N SER B 25 -41.18 -16.14 -7.36
CA SER B 25 -42.20 -15.07 -7.36
C SER B 25 -41.62 -13.79 -7.94
N GLU B 26 -42.38 -13.09 -8.79
CA GLU B 26 -41.95 -11.93 -9.50
C GLU B 26 -42.94 -10.86 -9.25
N GLY B 27 -42.46 -9.75 -8.71
CA GLY B 27 -43.29 -8.59 -8.54
C GLY B 27 -42.97 -7.62 -9.64
N LYS B 28 -43.42 -6.39 -9.50
CA LYS B 28 -43.05 -5.34 -10.43
C LYS B 28 -41.58 -4.97 -10.27
N TRP B 29 -41.14 -4.79 -9.02
CA TRP B 29 -39.78 -4.31 -8.71
C TRP B 29 -38.79 -5.39 -8.25
N VAL B 30 -39.29 -6.50 -7.71
CA VAL B 30 -38.42 -7.50 -7.04
C VAL B 30 -38.92 -8.86 -7.39
N LYS B 31 -37.98 -9.79 -7.58
CA LYS B 31 -38.25 -11.21 -7.67
C LYS B 31 -37.44 -12.06 -6.69
N LEU B 32 -37.98 -13.23 -6.38
CA LEU B 32 -37.36 -14.21 -5.55
C LEU B 32 -37.15 -15.45 -6.38
N GLU B 33 -35.94 -16.01 -6.32
CA GLU B 33 -35.53 -17.15 -7.14
C GLU B 33 -34.93 -18.20 -6.25
N LYS B 34 -34.97 -19.43 -6.71
CA LYS B 34 -34.28 -20.49 -6.03
C LYS B 34 -33.12 -20.86 -6.92
N THR B 35 -31.92 -20.62 -6.42
CA THR B 35 -30.68 -20.83 -7.16
C THR B 35 -30.11 -22.19 -6.84
N THR B 36 -29.85 -22.99 -7.89
CA THR B 36 -29.06 -24.21 -7.68
C THR B 36 -27.60 -23.97 -8.12
N TYR B 37 -26.69 -24.39 -7.26
CA TYR B 37 -25.27 -24.23 -7.50
C TYR B 37 -24.50 -25.47 -7.04
N MET B 38 -23.29 -25.59 -7.55
CA MET B 38 -22.39 -26.69 -7.23
C MET B 38 -21.47 -26.17 -6.17
N ASP B 39 -21.41 -26.88 -5.06
CA ASP B 39 -20.56 -26.49 -3.96
C ASP B 39 -19.16 -27.08 -4.26
N PRO B 40 -18.14 -26.67 -3.53
CA PRO B 40 -16.78 -27.05 -3.99
C PRO B 40 -16.43 -28.55 -3.80
N THR B 41 -17.18 -29.28 -2.96
CA THR B 41 -17.10 -30.75 -2.92
C THR B 41 -17.72 -31.48 -4.13
N GLY B 42 -18.33 -30.78 -5.09
CA GLY B 42 -19.13 -31.43 -6.15
C GLY B 42 -20.57 -31.79 -5.74
N LYS B 43 -21.02 -31.31 -4.58
CA LYS B 43 -22.43 -31.48 -4.11
C LYS B 43 -23.32 -30.31 -4.57
N THR B 44 -24.51 -30.63 -5.05
CA THR B 44 -25.45 -29.66 -5.55
C THR B 44 -26.23 -29.08 -4.37
N ARG B 45 -26.45 -27.76 -4.38
CA ARG B 45 -27.04 -27.05 -3.22
C ARG B 45 -27.95 -25.96 -3.74
N THR B 46 -28.86 -25.47 -2.90
CA THR B 46 -29.79 -24.43 -3.24
C THR B 46 -29.70 -23.21 -2.31
N TRP B 47 -30.08 -22.08 -2.87
CA TRP B 47 -30.04 -20.77 -2.18
C TRP B 47 -31.27 -20.01 -2.57
N GLU B 48 -31.83 -19.27 -1.62
CA GLU B 48 -32.93 -18.34 -1.98
C GLU B 48 -32.32 -16.97 -2.23
N SER B 49 -32.53 -16.47 -3.44
CA SER B 49 -31.90 -15.28 -3.95
C SER B 49 -32.93 -14.25 -4.37
N VAL B 50 -32.63 -13.00 -4.13
CA VAL B 50 -33.46 -11.88 -4.55
C VAL B 50 -32.76 -11.12 -5.66
N LYS B 51 -33.55 -10.64 -6.61
CA LYS B 51 -33.08 -9.76 -7.64
C LYS B 51 -34.06 -8.65 -7.89
N ARG B 52 -33.54 -7.49 -8.27
CA ARG B 52 -34.48 -6.47 -8.79
C ARG B 52 -34.85 -6.80 -10.22
N THR B 53 -36.05 -6.42 -10.62
CA THR B 53 -36.51 -6.67 -12.03
C THR B 53 -36.11 -5.52 -12.99
N THR B 54 -35.43 -4.48 -12.49
CA THR B 54 -35.08 -3.28 -13.25
C THR B 54 -33.70 -3.13 -13.93
N ARG B 55 -32.76 -4.07 -13.70
CA ARG B 55 -31.40 -3.97 -14.23
C ARG B 55 -31.34 -4.16 -15.75
N LYS B 56 -30.61 -3.29 -16.44
CA LYS B 56 -30.49 -3.30 -17.93
C LYS B 56 -29.35 -4.12 -18.50
N GLN B 58 -27.22 -2.19 -17.65
CA GLN B 58 -26.41 -1.34 -16.80
C GLN B 58 -25.21 -2.07 -16.16
N THR B 59 -24.21 -1.28 -15.78
CA THR B 59 -23.04 -1.71 -14.99
C THR B 59 -23.42 -2.19 -13.60
N ALA B 60 -24.60 -1.78 -13.14
CA ALA B 60 -25.01 -1.92 -11.75
C ALA B 60 -26.46 -1.50 -11.67
N ASP B 61 -27.15 -1.89 -10.60
CA ASP B 61 -28.54 -1.46 -10.39
C ASP B 61 -28.63 0.04 -10.19
N GLY B 62 -27.67 0.58 -9.43
CA GLY B 62 -27.77 1.93 -8.89
C GLY B 62 -26.43 2.58 -8.63
N VAL B 63 -26.50 3.83 -8.16
CA VAL B 63 -25.32 4.54 -7.68
C VAL B 63 -25.61 5.05 -6.28
N ALA B 64 -24.58 5.18 -5.48
CA ALA B 64 -24.63 5.90 -4.18
C ALA B 64 -23.52 6.91 -4.24
N VAL B 65 -23.77 8.13 -3.79
CA VAL B 65 -22.92 9.24 -3.95
C VAL B 65 -22.36 9.62 -2.55
N ILE B 66 -21.06 9.68 -2.44
CA ILE B 66 -20.37 10.23 -1.29
C ILE B 66 -20.11 11.72 -1.59
N PRO B 67 -20.97 12.62 -1.05
CA PRO B 67 -20.87 14.03 -1.47
C PRO B 67 -20.14 14.85 -0.41
N VAL B 68 -18.94 15.33 -0.76
CA VAL B 68 -18.07 16.01 0.13
C VAL B 68 -18.28 17.50 -0.08
N LEU B 69 -19.04 18.11 0.82
CA LEU B 69 -19.35 19.55 0.77
C LEU B 69 -18.17 20.35 1.30
N GLN B 70 -17.54 21.07 0.38
CA GLN B 70 -16.35 21.89 0.66
C GLN B 70 -16.65 23.40 0.69
N ARG B 71 -16.53 24.01 1.85
CA ARG B 71 -16.75 25.47 2.00
C ARG B 71 -15.57 26.04 2.74
N THR B 72 -15.04 27.14 2.24
CA THR B 72 -13.90 27.68 2.89
C THR B 72 -14.28 28.21 4.29
N LEU B 73 -13.32 28.04 5.18
CA LEU B 73 -13.43 28.36 6.61
C LEU B 73 -14.47 27.59 7.36
N HIS B 74 -14.90 26.46 6.79
CA HIS B 74 -15.81 25.53 7.46
C HIS B 74 -15.20 24.17 7.46
N TYR B 75 -15.69 23.31 8.37
CA TYR B 75 -15.40 21.90 8.24
C TYR B 75 -15.92 21.30 6.94
N GLU B 76 -15.18 20.38 6.37
CA GLU B 76 -15.74 19.59 5.26
C GLU B 76 -16.90 18.78 5.79
N CYS B 77 -18.00 18.73 5.05
CA CYS B 77 -19.16 17.92 5.45
C CYS B 77 -19.41 16.80 4.45
N ILE B 78 -20.07 15.76 4.94
CA ILE B 78 -20.58 14.70 4.11
C ILE B 78 -22.06 14.95 4.09
N VAL B 79 -22.59 15.05 2.89
CA VAL B 79 -24.01 15.34 2.69
C VAL B 79 -24.82 14.01 2.65
N LEU B 80 -25.79 13.88 3.53
CA LEU B 80 -26.58 12.64 3.61
C LEU B 80 -28.05 12.95 3.49
N VAL B 81 -28.87 11.93 3.30
CA VAL B 81 -30.27 12.10 3.16
C VAL B 81 -31.00 11.24 4.14
N LYS B 82 -32.18 11.69 4.57
CA LYS B 82 -33.05 10.98 5.49
C LYS B 82 -34.39 10.83 4.79
N GLN B 83 -34.91 9.62 4.73
CA GLN B 83 -36.18 9.30 4.06
C GLN B 83 -36.82 8.13 4.75
N PHE B 84 -38.14 8.03 4.58
CA PHE B 84 -38.89 6.91 5.09
C PHE B 84 -38.62 5.78 4.12
N ARG B 85 -38.28 4.63 4.66
CA ARG B 85 -38.04 3.44 3.82
C ARG B 85 -39.01 2.35 4.15
N PRO B 86 -39.99 2.12 3.26
CA PRO B 86 -41.07 1.18 3.61
C PRO B 86 -40.58 -0.22 4.02
N PRO B 87 -39.52 -0.75 3.37
CA PRO B 87 -39.06 -2.05 3.87
C PRO B 87 -38.55 -2.02 5.28
N MET B 88 -37.98 -0.89 5.71
CA MET B 88 -37.49 -0.76 7.09
C MET B 88 -38.60 -0.39 8.09
N GLY B 89 -39.70 0.19 7.60
CA GLY B 89 -40.77 0.59 8.49
C GLY B 89 -40.41 1.82 9.26
N GLY B 90 -39.44 2.57 8.78
CA GLY B 90 -38.95 3.75 9.48
C GLY B 90 -38.02 4.57 8.65
N TYR B 91 -37.52 5.62 9.28
CA TYR B 91 -36.64 6.57 8.60
C TYR B 91 -35.18 6.11 8.64
N CYS B 92 -34.46 6.34 7.57
CA CYS B 92 -33.04 5.93 7.39
C CYS B 92 -32.21 7.11 6.93
N ILE B 93 -30.98 7.14 7.37
CA ILE B 93 -29.98 8.10 6.91
C ILE B 93 -29.03 7.38 5.98
N GLU B 94 -28.88 7.90 4.77
CA GLU B 94 -28.14 7.24 3.67
C GLU B 94 -27.36 8.26 2.85
N PHE B 95 -26.42 7.76 2.04
CA PHE B 95 -25.82 8.52 0.99
C PHE B 95 -26.93 8.77 -0.04
N PRO B 96 -26.96 9.94 -0.65
CA PRO B 96 -27.85 10.12 -1.83
C PRO B 96 -27.61 9.01 -2.85
N ALA B 97 -28.71 8.52 -3.43
CA ALA B 97 -28.65 7.31 -4.19
C ALA B 97 -29.91 7.12 -4.99
N GLY B 98 -29.73 6.42 -6.12
CA GLY B 98 -30.87 5.95 -6.91
C GLY B 98 -30.43 4.97 -8.01
N LEU B 99 -31.43 4.44 -8.70
CA LEU B 99 -31.19 3.57 -9.83
C LEU B 99 -30.64 4.32 -11.04
N ILE B 100 -29.82 3.64 -11.81
CA ILE B 100 -29.18 4.19 -13.02
C ILE B 100 -30.20 4.00 -14.17
N ASP B 101 -30.45 5.06 -14.95
CA ASP B 101 -31.38 4.98 -16.11
C ASP B 101 -30.77 4.18 -17.24
N ASP B 102 -31.58 3.42 -17.98
CA ASP B 102 -31.05 2.64 -19.13
C ASP B 102 -30.29 3.58 -20.06
N GLY B 103 -29.03 3.25 -20.35
CA GLY B 103 -28.16 4.10 -21.13
C GLY B 103 -27.77 5.41 -20.45
N GLU B 104 -27.71 5.43 -19.12
CA GLU B 104 -27.06 6.52 -18.36
C GLU B 104 -25.72 5.99 -17.83
N THR B 105 -24.68 6.83 -17.80
CA THR B 105 -23.42 6.42 -17.19
C THR B 105 -23.54 6.51 -15.64
N PRO B 106 -22.75 5.72 -14.89
CA PRO B 106 -22.80 5.86 -13.40
C PRO B 106 -22.49 7.26 -12.88
N GLU B 107 -21.43 7.85 -13.42
CA GLU B 107 -21.09 9.25 -13.14
C GLU B 107 -22.30 10.19 -13.33
N ALA B 108 -23.02 10.03 -14.44
CA ALA B 108 -24.14 10.93 -14.76
C ALA B 108 -25.30 10.70 -13.84
N ALA B 109 -25.52 9.42 -13.50
CA ALA B 109 -26.57 9.03 -12.57
C ALA B 109 -26.29 9.66 -11.21
N ALA B 110 -25.00 9.74 -10.88
CA ALA B 110 -24.53 10.27 -9.57
C ALA B 110 -24.81 11.74 -9.42
N LEU B 111 -24.43 12.51 -10.44
CA LEU B 111 -24.72 13.96 -10.39
C LEU B 111 -26.19 14.29 -10.48
N ARG B 112 -26.94 13.52 -11.27
CA ARG B 112 -28.37 13.70 -11.35
C ARG B 112 -28.97 13.42 -10.01
N GLU B 113 -28.70 12.23 -9.46
CA GLU B 113 -29.35 11.88 -8.20
C GLU B 113 -29.01 12.85 -7.09
N LEU B 114 -27.77 13.28 -7.05
CA LEU B 114 -27.34 14.22 -6.03
C LEU B 114 -28.14 15.52 -6.14
N GLU B 115 -28.32 16.00 -7.36
CA GLU B 115 -29.14 17.19 -7.56
C GLU B 115 -30.59 17.01 -7.21
N GLU B 116 -31.21 15.91 -7.61
CA GLU B 116 -32.61 15.66 -7.26
C GLU B 116 -32.86 15.56 -5.76
N GLU B 117 -31.96 14.84 -5.08
CA GLU B 117 -32.16 14.55 -3.67
C GLU B 117 -31.68 15.64 -2.74
N THR B 118 -30.69 16.40 -3.19
CA THR B 118 -30.12 17.45 -2.32
C THR B 118 -30.21 18.88 -2.85
N GLY B 119 -30.40 19.03 -4.16
CA GLY B 119 -30.21 20.32 -4.81
C GLY B 119 -28.78 20.68 -5.09
N TYR B 120 -27.78 19.99 -4.54
CA TYR B 120 -26.38 20.35 -4.85
C TYR B 120 -25.93 19.87 -6.22
N LYS B 121 -25.02 20.67 -6.80
CA LYS B 121 -24.35 20.40 -8.06
C LYS B 121 -22.89 20.16 -7.79
N GLY B 122 -22.42 18.98 -8.15
CA GLY B 122 -21.09 18.56 -7.78
C GLY B 122 -20.24 18.14 -8.92
N ASP B 123 -19.01 17.79 -8.57
CA ASP B 123 -18.02 17.36 -9.53
C ASP B 123 -17.55 15.96 -9.19
N ILE B 124 -17.39 15.10 -10.20
CA ILE B 124 -16.86 13.74 -9.99
C ILE B 124 -15.39 13.68 -9.55
N ALA B 125 -15.10 12.99 -8.43
CA ALA B 125 -13.72 12.73 -8.02
C ALA B 125 -13.24 11.34 -8.41
N GLU B 126 -14.07 10.34 -8.17
CA GLU B 126 -13.71 8.95 -8.47
C GLU B 126 -15.02 8.14 -8.48
N CYS B 127 -14.96 6.96 -9.10
CA CYS B 127 -16.10 6.10 -9.28
C CYS B 127 -15.62 4.67 -9.02
N SER B 128 -16.31 3.95 -8.16
CA SER B 128 -15.92 2.56 -7.92
C SER B 128 -16.33 1.60 -9.06
N PRO B 129 -15.68 0.44 -9.13
CA PRO B 129 -16.35 -0.68 -9.86
C PRO B 129 -17.71 -1.03 -9.26
N ALA B 130 -18.46 -1.88 -9.93
CA ALA B 130 -19.73 -2.36 -9.33
C ALA B 130 -19.44 -3.11 -8.01
N VAL B 131 -20.13 -2.71 -6.95
CA VAL B 131 -19.93 -3.36 -5.60
C VAL B 131 -21.23 -3.91 -5.08
N CYS B 132 -21.20 -5.04 -4.33
CA CYS B 132 -22.47 -5.67 -3.95
C CYS B 132 -23.09 -5.15 -2.66
N MET B 133 -24.40 -5.07 -2.64
CA MET B 133 -25.12 -4.52 -1.53
C MET B 133 -25.29 -5.51 -0.36
N ASP B 134 -25.70 -6.75 -0.65
CA ASP B 134 -25.97 -7.71 0.37
C ASP B 134 -25.85 -9.08 -0.35
N PRO B 135 -24.63 -9.60 -0.55
CA PRO B 135 -24.45 -10.68 -1.55
C PRO B 135 -24.95 -12.06 -1.11
N GLY B 136 -25.18 -12.25 0.21
CA GLY B 136 -25.81 -13.41 0.70
C GLY B 136 -27.32 -13.43 0.49
N LEU B 137 -27.88 -12.31 0.06
CA LEU B 137 -29.33 -12.20 -0.17
C LEU B 137 -29.68 -11.89 -1.60
N SER B 138 -29.04 -10.91 -2.19
CA SER B 138 -29.41 -10.37 -3.50
C SER B 138 -28.25 -10.23 -4.43
N ASN B 139 -28.54 -10.03 -5.72
CA ASN B 139 -27.47 -9.69 -6.67
C ASN B 139 -27.32 -8.18 -6.83
N CYS B 140 -27.89 -7.37 -5.92
CA CYS B 140 -27.92 -5.93 -6.10
C CYS B 140 -26.54 -5.34 -6.01
N THR B 141 -26.24 -4.49 -6.98
CA THR B 141 -24.97 -3.80 -7.02
C THR B 141 -25.14 -2.31 -7.28
N ILE B 142 -24.13 -1.55 -6.85
CA ILE B 142 -24.06 -0.12 -7.09
C ILE B 142 -22.66 0.28 -7.49
N HIS B 143 -22.51 1.44 -8.12
CA HIS B 143 -21.23 2.14 -8.12
C HIS B 143 -21.26 3.20 -7.02
N ILE B 144 -20.21 3.25 -6.23
CA ILE B 144 -20.05 4.33 -5.28
C ILE B 144 -19.27 5.43 -5.97
N VAL B 145 -19.84 6.60 -6.02
CA VAL B 145 -19.27 7.74 -6.74
C VAL B 145 -18.99 8.86 -5.73
N THR B 146 -17.70 9.14 -5.56
CA THR B 146 -17.22 10.22 -4.70
C THR B 146 -17.31 11.49 -5.52
N VAL B 147 -17.95 12.49 -4.93
CA VAL B 147 -18.27 13.76 -5.60
C VAL B 147 -17.90 14.84 -4.63
N THR B 148 -17.19 15.85 -5.09
CA THR B 148 -16.99 17.05 -4.29
C THR B 148 -17.98 18.15 -4.71
N ILE B 149 -18.43 18.95 -3.75
CA ILE B 149 -19.40 20.01 -3.96
C ILE B 149 -18.78 21.33 -3.51
N ASN B 150 -18.58 22.25 -4.46
CA ASN B 150 -17.95 23.54 -4.12
C ASN B 150 -19.04 24.35 -3.53
N GLY B 151 -19.03 24.41 -2.21
CA GLY B 151 -20.12 25.02 -1.47
C GLY B 151 -20.11 26.55 -1.53
N ASP B 152 -19.06 27.10 -2.11
CA ASP B 152 -18.83 28.53 -2.18
C ASP B 152 -19.34 29.07 -3.54
N ASP B 153 -19.70 28.19 -4.48
CA ASP B 153 -20.24 28.63 -5.78
C ASP B 153 -21.68 29.01 -5.63
N ALA B 154 -22.11 29.99 -6.44
CA ALA B 154 -23.47 30.51 -6.37
C ALA B 154 -24.54 29.45 -6.63
N GLU B 155 -24.25 28.46 -7.48
CA GLU B 155 -25.25 27.41 -7.82
C GLU B 155 -25.57 26.43 -6.65
N ASN B 156 -24.74 26.50 -5.62
CA ASN B 156 -24.89 25.69 -4.39
C ASN B 156 -25.10 26.59 -3.21
N ALA B 157 -25.44 27.86 -3.45
CA ALA B 157 -25.84 28.77 -2.39
C ALA B 157 -27.15 28.31 -1.74
N ARG B 158 -28.20 28.22 -2.56
CA ARG B 158 -29.54 27.91 -2.09
C ARG B 158 -29.97 26.62 -2.80
N PRO B 159 -29.40 25.46 -2.37
CA PRO B 159 -29.61 24.24 -3.17
C PRO B 159 -31.11 23.93 -3.35
N LYS B 160 -31.55 23.80 -4.62
CA LYS B 160 -32.94 23.55 -4.95
C LYS B 160 -33.11 22.04 -5.28
N PRO B 161 -33.64 21.22 -4.31
CA PRO B 161 -33.85 19.78 -4.61
C PRO B 161 -35.04 19.58 -5.55
N LYS B 162 -34.84 18.82 -6.62
CA LYS B 162 -35.91 18.49 -7.58
C LYS B 162 -36.29 17.01 -7.51
N PRO B 163 -36.90 16.58 -6.38
CA PRO B 163 -37.15 15.16 -6.19
C PRO B 163 -38.31 14.65 -7.06
N GLY B 164 -38.23 13.40 -7.47
CA GLY B 164 -39.28 12.80 -8.29
C GLY B 164 -40.61 12.57 -7.57
N ASP B 165 -41.53 11.98 -8.31
CA ASP B 165 -42.86 11.64 -7.80
C ASP B 165 -42.75 10.62 -6.65
N GLY B 166 -43.44 10.89 -5.54
CA GLY B 166 -43.44 9.96 -4.39
C GLY B 166 -42.11 9.80 -3.63
N GLU B 167 -41.20 10.77 -3.79
CA GLU B 167 -39.93 10.83 -3.04
C GLU B 167 -39.99 12.05 -2.14
N PHE B 168 -39.58 11.85 -0.88
CA PHE B 168 -39.67 12.87 0.15
C PHE B 168 -38.39 12.77 0.99
N VAL B 169 -37.47 13.67 0.74
CA VAL B 169 -36.08 13.56 1.22
C VAL B 169 -35.71 14.81 2.04
N GLU B 170 -35.11 14.61 3.21
CA GLU B 170 -34.54 15.70 4.04
C GLU B 170 -33.04 15.55 3.93
N VAL B 171 -32.32 16.66 3.88
CA VAL B 171 -30.87 16.66 3.61
C VAL B 171 -30.20 16.89 4.95
N ILE B 172 -29.16 16.11 5.28
CA ILE B 172 -28.47 16.25 6.57
C ILE B 172 -26.98 16.26 6.28
N SER B 173 -26.34 17.41 6.52
CA SER B 173 -24.91 17.56 6.34
C SER B 173 -24.14 17.50 7.64
N LEU B 174 -23.17 16.60 7.72
CA LEU B 174 -22.45 16.36 8.92
C LEU B 174 -20.94 16.45 8.71
N PRO B 175 -20.21 16.97 9.72
CA PRO B 175 -18.81 17.18 9.48
C PRO B 175 -18.09 15.91 9.27
N LYS B 176 -17.26 15.84 8.23
CA LYS B 176 -16.47 14.67 7.92
C LYS B 176 -15.59 14.23 9.14
N ASN B 177 -14.87 15.19 9.73
CA ASN B 177 -13.94 14.88 10.83
C ASN B 177 -14.61 14.40 12.15
N ASP B 178 -15.95 14.45 12.27
CA ASP B 178 -16.65 13.91 13.47
C ASP B 178 -17.80 13.00 13.08
N LEU B 179 -17.73 12.42 11.87
CA LEU B 179 -18.92 11.80 11.31
C LEU B 179 -19.52 10.71 12.19
N LEU B 180 -18.68 9.80 12.66
CA LEU B 180 -19.13 8.66 13.39
C LEU B 180 -19.88 9.06 14.68
N GLN B 181 -19.28 9.98 15.47
CA GLN B 181 -19.97 10.48 16.69
C GLN B 181 -21.25 11.21 16.38
N ARG B 182 -21.29 11.98 15.29
CA ARG B 182 -22.52 12.60 14.90
C ARG B 182 -23.64 11.63 14.49
N LEU B 183 -23.27 10.59 13.75
CA LEU B 183 -24.22 9.55 13.43
C LEU B 183 -24.78 8.81 14.65
N ASP B 184 -23.88 8.38 15.51
CA ASP B 184 -24.25 7.67 16.79
C ASP B 184 -25.26 8.51 17.60
N ALA B 185 -25.02 9.81 17.64
CA ALA B 185 -25.97 10.74 18.29
C ALA B 185 -27.35 10.79 17.62
N LEU B 186 -27.41 10.83 16.28
CA LEU B 186 -28.70 10.84 15.62
C LEU B 186 -29.49 9.55 15.87
N VAL B 187 -28.80 8.43 15.96
CA VAL B 187 -29.47 7.18 16.32
C VAL B 187 -30.04 7.16 17.75
N ALA B 188 -29.22 7.62 18.69
CA ALA B 188 -29.59 7.66 20.13
C ALA B 188 -30.72 8.64 20.36
N GLU B 189 -30.70 9.76 19.63
CA GLU B 189 -31.62 10.87 19.86
C GLU B 189 -32.86 10.80 18.99
N GLU B 190 -32.74 10.34 17.74
CA GLU B 190 -33.88 10.42 16.78
C GLU B 190 -34.50 9.04 16.39
N HIS B 191 -34.00 7.94 16.94
CA HIS B 191 -34.39 6.57 16.55
C HIS B 191 -34.49 6.37 15.01
N LEU B 192 -33.47 6.87 14.30
CA LEU B 192 -33.27 6.65 12.88
C LEU B 192 -32.39 5.42 12.70
N THR B 193 -32.36 4.83 11.51
CA THR B 193 -31.42 3.78 11.21
C THR B 193 -30.39 4.34 10.22
N VAL B 194 -29.09 4.20 10.53
CA VAL B 194 -28.04 4.65 9.64
C VAL B 194 -27.72 3.51 8.70
N ASP B 195 -27.54 3.83 7.44
CA ASP B 195 -27.10 2.86 6.45
C ASP B 195 -25.74 2.28 6.70
N ALA B 196 -25.54 1.02 6.36
CA ALA B 196 -24.27 0.37 6.71
C ALA B 196 -23.06 0.88 5.93
N ARG B 197 -23.27 1.35 4.68
CA ARG B 197 -22.22 1.90 3.93
C ARG B 197 -21.78 3.24 4.55
N VAL B 198 -22.74 4.04 4.95
CA VAL B 198 -22.49 5.30 5.63
C VAL B 198 -21.68 5.04 6.93
N TYR B 199 -22.16 4.09 7.71
CA TYR B 199 -21.50 3.74 8.97
C TYR B 199 -20.09 3.21 8.76
N SER B 200 -19.88 2.40 7.75
CA SER B 200 -18.60 1.89 7.41
C SER B 200 -17.59 2.94 7.05
N TYR B 201 -18.06 3.91 6.25
CA TYR B 201 -17.28 5.07 5.84
C TYR B 201 -16.85 5.83 7.12
N ALA B 202 -17.81 6.06 8.02
CA ALA B 202 -17.57 6.84 9.25
C ALA B 202 -16.56 6.18 10.14
N LEU B 203 -16.69 4.86 10.26
CA LEU B 203 -15.76 4.06 11.03
C LEU B 203 -14.37 4.18 10.50
N ALA B 204 -14.18 4.07 9.17
CA ALA B 204 -12.84 4.16 8.61
C ALA B 204 -12.24 5.52 8.77
N LEU B 205 -13.03 6.56 8.73
CA LEU B 205 -12.48 7.89 9.02
C LEU B 205 -11.85 7.96 10.40
N LYS B 206 -12.46 7.32 11.39
CA LYS B 206 -11.87 7.25 12.72
C LYS B 206 -10.68 6.31 12.77
N HIS B 207 -10.79 5.13 12.16
CA HIS B 207 -9.75 4.14 12.13
C HIS B 207 -8.47 4.48 11.34
N ALA B 208 -8.55 5.45 10.41
CA ALA B 208 -7.34 5.82 9.63
C ALA B 208 -6.15 6.28 10.50
N ASN B 209 -4.94 5.95 10.05
CA ASN B 209 -3.66 6.08 10.79
C ASN B 209 -3.44 4.97 11.81
N GLN C 16 13.91 -4.16 19.02
CA GLN C 16 14.93 -3.08 19.29
C GLN C 16 14.33 -1.72 18.96
N TYR C 17 14.74 -0.65 19.65
CA TYR C 17 14.16 0.67 19.36
C TYR C 17 15.06 1.76 19.82
N ILE C 18 14.80 2.97 19.32
CA ILE C 18 15.61 4.14 19.63
C ILE C 18 15.19 4.70 20.98
N ILE C 19 16.17 5.01 21.82
CA ILE C 19 15.95 5.66 23.15
C ILE C 19 16.17 7.19 23.09
N SER C 20 17.13 7.70 22.30
CA SER C 20 17.37 9.16 22.17
C SER C 20 18.38 9.47 21.07
N GLU C 21 18.22 10.65 20.46
CA GLU C 21 19.14 11.14 19.42
C GLU C 21 19.74 12.44 19.96
N GLU C 22 21.01 12.39 20.37
CA GLU C 22 21.73 13.52 20.98
C GLU C 22 22.63 14.15 19.90
N LEU C 23 22.55 15.47 19.74
CA LEU C 23 23.21 16.18 18.64
C LEU C 23 24.67 16.55 18.95
N ILE C 24 25.62 16.10 18.13
CA ILE C 24 27.05 16.43 18.33
C ILE C 24 27.45 17.68 17.53
N SER C 25 27.40 17.61 16.21
CA SER C 25 27.71 18.75 15.36
C SER C 25 26.70 18.87 14.23
N GLU C 26 26.22 20.08 13.99
CA GLU C 26 25.27 20.35 12.91
C GLU C 26 25.86 21.40 12.04
N GLY C 27 26.11 21.06 10.77
CA GLY C 27 26.48 22.04 9.79
C GLY C 27 25.29 22.53 9.01
N LYS C 28 25.55 23.15 7.88
CA LYS C 28 24.50 23.60 6.98
C LYS C 28 23.81 22.44 6.24
N TRP C 29 24.58 21.42 5.85
CA TRP C 29 24.09 20.33 4.98
C TRP C 29 23.97 18.97 5.64
N VAL C 30 24.80 18.70 6.65
CA VAL C 30 24.88 17.40 7.31
C VAL C 30 25.04 17.60 8.82
N LYS C 31 24.59 16.61 9.60
CA LYS C 31 24.75 16.63 11.05
C LYS C 31 25.16 15.26 11.58
N LEU C 32 25.83 15.24 12.73
CA LEU C 32 26.29 13.99 13.36
C LEU C 32 25.55 13.89 14.67
N GLU C 33 25.20 12.66 15.09
CA GLU C 33 24.50 12.42 16.35
C GLU C 33 24.96 11.20 17.11
N LYS C 34 24.75 11.25 18.42
CA LYS C 34 24.91 10.10 19.29
C LYS C 34 23.53 9.50 19.41
N THR C 35 23.40 8.21 19.07
CA THR C 35 22.11 7.54 19.12
C THR C 35 22.16 6.52 20.23
N THR C 36 21.12 6.47 21.04
CA THR C 36 21.06 5.48 22.15
C THR C 36 19.89 4.55 21.86
N TYR C 37 20.12 3.23 21.87
CA TYR C 37 19.11 2.27 21.47
C TYR C 37 19.10 1.04 22.39
N MET C 38 17.96 0.34 22.46
CA MET C 38 17.85 -0.92 23.22
C MET C 38 18.13 -2.06 22.29
N ASP C 39 18.98 -2.98 22.70
CA ASP C 39 19.30 -4.13 21.87
C ASP C 39 18.32 -5.22 22.16
N PRO C 40 18.44 -6.36 21.44
CA PRO C 40 17.42 -7.41 21.52
C PRO C 40 17.36 -8.17 22.90
N THR C 41 18.47 -8.19 23.63
CA THR C 41 18.50 -8.80 24.98
C THR C 41 18.03 -7.88 26.12
N GLY C 42 17.88 -6.57 25.87
CA GLY C 42 17.65 -5.56 26.92
C GLY C 42 18.86 -4.72 27.34
N LYS C 43 20.05 -4.99 26.78
CA LYS C 43 21.21 -4.11 26.96
C LYS C 43 21.04 -2.80 26.17
N THR C 44 21.26 -1.69 26.87
CA THR C 44 21.21 -0.34 26.30
C THR C 44 22.56 -0.10 25.55
N ARG C 45 22.53 0.41 24.29
CA ARG C 45 23.78 0.62 23.54
C ARG C 45 23.77 1.92 22.80
N THR C 46 24.91 2.29 22.24
CA THR C 46 25.05 3.52 21.51
C THR C 46 25.65 3.32 20.08
N TRP C 47 25.52 4.35 19.26
CA TRP C 47 25.95 4.33 17.84
C TRP C 47 26.14 5.77 17.42
N GLU C 48 27.07 6.02 16.50
CA GLU C 48 27.29 7.34 15.91
C GLU C 48 26.61 7.43 14.54
N SER C 49 25.58 8.27 14.44
CA SER C 49 24.72 8.35 13.22
C SER C 49 24.85 9.67 12.57
N VAL C 50 24.69 9.69 11.24
CA VAL C 50 24.71 10.88 10.44
C VAL C 50 23.36 11.07 9.75
N LYS C 51 22.95 12.33 9.59
CA LYS C 51 21.72 12.72 8.91
C LYS C 51 21.96 13.99 8.11
N ARG C 52 21.32 14.12 6.94
CA ARG C 52 21.34 15.38 6.18
C ARG C 52 20.34 16.31 6.87
N THR C 53 20.51 17.61 6.66
CA THR C 53 19.65 18.63 7.30
C THR C 53 18.56 19.20 6.38
N THR C 54 18.56 18.71 5.14
CA THR C 54 17.73 19.17 4.03
C THR C 54 16.37 18.43 3.92
N ARG C 55 16.15 17.36 4.70
CA ARG C 55 15.00 16.44 4.53
C ARG C 55 13.73 16.87 5.25
N LYS C 56 12.64 17.07 4.50
CA LYS C 56 11.30 17.32 5.07
C LYS C 56 10.61 16.01 5.49
N GLN C 58 10.12 15.37 2.55
CA GLN C 58 9.68 14.46 1.51
C GLN C 58 9.69 12.98 1.92
N THR C 59 9.39 12.13 0.94
CA THR C 59 9.46 10.65 1.04
C THR C 59 10.87 10.11 1.40
N ALA C 60 11.86 10.87 1.01
CA ALA C 60 13.24 10.45 1.07
C ALA C 60 14.05 11.70 0.84
N ASP C 61 15.36 11.60 1.06
CA ASP C 61 16.23 12.70 0.81
C ASP C 61 16.23 12.99 -0.67
N GLY C 62 16.28 11.94 -1.49
CA GLY C 62 16.59 12.21 -2.89
C GLY C 62 16.12 11.13 -3.79
N VAL C 63 16.47 11.30 -5.06
CA VAL C 63 16.19 10.26 -6.05
C VAL C 63 17.47 9.92 -6.82
N ALA C 64 17.54 8.67 -7.28
CA ALA C 64 18.53 8.25 -8.24
C ALA C 64 17.76 7.71 -9.44
N VAL C 65 18.17 8.09 -10.65
CA VAL C 65 17.43 7.81 -11.81
C VAL C 65 18.21 6.70 -12.58
N ILE C 66 17.54 5.58 -12.88
CA ILE C 66 18.09 4.58 -13.79
C ILE C 66 17.57 4.91 -15.20
N PRO C 67 18.39 5.58 -16.06
CA PRO C 67 17.89 6.13 -17.32
C PRO C 67 18.26 5.21 -18.48
N VAL C 68 17.24 4.57 -18.99
CA VAL C 68 17.41 3.54 -19.99
C VAL C 68 17.14 4.19 -21.34
N LEU C 69 18.25 4.39 -22.07
CA LEU C 69 18.17 4.95 -23.45
C LEU C 69 17.79 3.89 -24.45
N GLN C 70 16.65 4.09 -25.08
CA GLN C 70 16.03 3.10 -25.97
C GLN C 70 16.03 3.67 -27.37
N ARG C 71 16.51 2.88 -28.32
CA ARG C 71 16.57 3.29 -29.75
C ARG C 71 16.25 2.17 -30.66
N THR C 72 15.52 2.46 -31.75
CA THR C 72 15.08 1.41 -32.69
C THR C 72 16.14 0.46 -33.12
N LEU C 73 17.32 1.02 -33.39
CA LEU C 73 18.38 0.30 -34.07
C LEU C 73 19.42 -0.32 -33.16
N HIS C 74 19.32 -0.12 -31.84
CA HIS C 74 20.42 -0.41 -30.94
C HIS C 74 19.93 -1.13 -29.69
N TYR C 75 20.88 -1.80 -29.08
CA TYR C 75 20.66 -2.29 -27.73
C TYR C 75 20.53 -1.08 -26.81
N GLU C 76 19.84 -1.29 -25.71
CA GLU C 76 19.68 -0.24 -24.70
C GLU C 76 21.01 0.16 -24.11
N CYS C 77 21.08 1.44 -23.72
CA CYS C 77 22.18 1.99 -22.93
C CYS C 77 21.66 2.47 -21.60
N ILE C 78 22.53 2.45 -20.61
CA ILE C 78 22.25 3.06 -19.29
C ILE C 78 22.99 4.37 -19.32
N VAL C 79 22.33 5.49 -18.98
CA VAL C 79 22.98 6.81 -19.04
C VAL C 79 23.50 7.16 -17.66
N LEU C 80 24.79 7.46 -17.53
CA LEU C 80 25.40 7.66 -16.22
C LEU C 80 26.06 9.03 -16.30
N VAL C 81 26.38 9.56 -15.13
CA VAL C 81 27.11 10.82 -15.03
C VAL C 81 28.40 10.68 -14.33
N LYS C 82 29.38 11.47 -14.75
CA LYS C 82 30.66 11.55 -14.06
C LYS C 82 30.82 12.96 -13.53
N GLN C 83 31.15 13.03 -12.25
CA GLN C 83 31.34 14.25 -11.55
C GLN C 83 32.37 14.17 -10.44
N PHE C 84 33.02 15.30 -10.22
CA PHE C 84 33.90 15.41 -9.11
C PHE C 84 33.10 15.46 -7.85
N ARG C 85 33.50 14.68 -6.86
CA ARG C 85 32.78 14.53 -5.60
C ARG C 85 33.70 14.87 -4.45
N PRO C 86 33.47 16.07 -3.84
CA PRO C 86 34.42 16.49 -2.81
C PRO C 86 34.68 15.52 -1.63
N PRO C 87 33.66 14.81 -1.10
CA PRO C 87 33.95 13.87 -0.04
C PRO C 87 34.87 12.69 -0.46
N MET C 88 34.83 12.34 -1.73
CA MET C 88 35.69 11.29 -2.25
C MET C 88 37.05 11.81 -2.72
N GLY C 89 37.21 13.12 -2.92
CA GLY C 89 38.46 13.64 -3.46
C GLY C 89 38.74 13.29 -4.89
N GLY C 90 37.70 13.00 -5.66
CA GLY C 90 37.91 12.52 -7.03
C GLY C 90 36.62 12.31 -7.73
N TYR C 91 36.73 11.76 -8.94
CA TYR C 91 35.62 11.63 -9.85
C TYR C 91 34.90 10.35 -9.59
N CYS C 92 33.57 10.42 -9.73
CA CYS C 92 32.73 9.23 -9.48
C CYS C 92 31.76 9.05 -10.59
N ILE C 93 31.40 7.80 -10.88
CA ILE C 93 30.48 7.47 -11.93
C ILE C 93 29.19 6.98 -11.23
N GLU C 94 28.08 7.65 -11.52
CA GLU C 94 26.81 7.47 -10.80
C GLU C 94 25.60 7.54 -11.66
N PHE C 95 24.48 7.03 -11.14
CA PHE C 95 23.22 7.39 -11.72
C PHE C 95 22.95 8.88 -11.56
N PRO C 96 22.32 9.51 -12.56
CA PRO C 96 21.82 10.89 -12.32
C PRO C 96 20.96 10.89 -11.06
N ALA C 97 21.18 11.91 -10.25
CA ALA C 97 20.61 11.97 -8.96
C ALA C 97 20.58 13.35 -8.40
N GLY C 98 19.59 13.57 -7.51
CA GLY C 98 19.56 14.80 -6.71
C GLY C 98 18.55 14.77 -5.58
N LEU C 99 18.57 15.81 -4.75
CA LEU C 99 17.54 15.98 -3.69
C LEU C 99 16.13 16.24 -4.26
N ILE C 100 15.12 15.72 -3.57
CA ILE C 100 13.72 16.03 -3.90
C ILE C 100 13.38 17.42 -3.30
N ASP C 101 12.90 18.34 -4.14
CA ASP C 101 12.50 19.68 -3.69
C ASP C 101 11.25 19.58 -2.87
N ASP C 102 11.09 20.49 -1.91
CA ASP C 102 9.90 20.49 -1.05
C ASP C 102 8.67 20.63 -1.94
N GLY C 103 7.69 19.76 -1.70
CA GLY C 103 6.45 19.73 -2.51
C GLY C 103 6.46 18.83 -3.74
N GLU C 104 7.66 18.42 -4.17
CA GLU C 104 7.90 17.67 -5.42
C GLU C 104 7.70 16.19 -5.24
N THR C 105 7.04 15.52 -6.18
CA THR C 105 7.02 14.06 -6.14
C THR C 105 8.41 13.44 -6.53
N PRO C 106 8.72 12.22 -6.05
CA PRO C 106 9.95 11.57 -6.53
C PRO C 106 10.02 11.48 -8.04
N GLU C 107 8.86 11.23 -8.70
CA GLU C 107 8.83 11.08 -10.13
C GLU C 107 9.23 12.39 -10.83
N ALA C 108 8.75 13.53 -10.33
CA ALA C 108 8.95 14.78 -11.00
C ALA C 108 10.44 15.15 -10.80
N ALA C 109 10.93 14.98 -9.58
CA ALA C 109 12.35 15.15 -9.26
C ALA C 109 13.24 14.33 -10.22
N ALA C 110 12.83 13.10 -10.52
CA ALA C 110 13.63 12.26 -11.36
C ALA C 110 13.76 12.82 -12.76
N LEU C 111 12.64 13.21 -13.34
CA LEU C 111 12.63 13.74 -14.71
C LEU C 111 13.36 15.07 -14.75
N ARG C 112 13.23 15.86 -13.69
CA ARG C 112 13.95 17.14 -13.62
C ARG C 112 15.46 16.96 -13.53
N GLU C 113 15.89 16.17 -12.56
CA GLU C 113 17.32 15.90 -12.38
C GLU C 113 17.85 15.23 -13.63
N LEU C 114 17.07 14.34 -14.22
CA LEU C 114 17.58 13.67 -15.44
C LEU C 114 17.83 14.70 -16.56
N GLU C 115 16.82 15.52 -16.83
CA GLU C 115 16.97 16.56 -17.87
C GLU C 115 18.11 17.50 -17.55
N GLU C 116 18.21 17.98 -16.32
CA GLU C 116 19.28 18.89 -15.95
C GLU C 116 20.69 18.33 -16.15
N GLU C 117 20.88 17.07 -15.72
CA GLU C 117 22.20 16.48 -15.62
C GLU C 117 22.65 15.86 -16.93
N THR C 118 21.73 15.42 -17.75
CA THR C 118 22.06 14.78 -19.00
C THR C 118 21.49 15.46 -20.26
N GLY C 119 20.45 16.30 -20.14
CA GLY C 119 19.70 16.80 -21.29
C GLY C 119 18.60 15.95 -21.88
N TYR C 120 18.49 14.70 -21.42
CA TYR C 120 17.46 13.82 -21.93
C TYR C 120 16.12 14.07 -21.32
N LYS C 121 15.13 14.03 -22.17
CA LYS C 121 13.76 14.01 -21.74
C LYS C 121 13.25 12.56 -21.72
N GLY C 122 12.84 12.15 -20.54
CA GLY C 122 12.46 10.76 -20.25
C GLY C 122 11.01 10.61 -19.87
N ASP C 123 10.59 9.36 -19.69
CA ASP C 123 9.23 9.00 -19.31
C ASP C 123 9.37 8.05 -18.11
N ILE C 124 8.59 8.27 -17.04
CA ILE C 124 8.68 7.40 -15.88
C ILE C 124 8.31 5.96 -16.24
N ALA C 125 9.17 4.99 -15.87
CA ALA C 125 8.80 3.59 -15.89
C ALA C 125 8.31 2.98 -14.59
N GLU C 126 9.02 3.24 -13.52
CA GLU C 126 8.78 2.57 -12.20
C GLU C 126 9.46 3.42 -11.13
N CYS C 127 8.94 3.40 -9.91
CA CYS C 127 9.59 4.10 -8.82
C CYS C 127 9.60 3.21 -7.59
N SER C 128 10.77 3.04 -7.01
CA SER C 128 10.95 2.21 -5.83
C SER C 128 10.33 2.86 -4.62
N PRO C 129 10.18 2.06 -3.56
CA PRO C 129 9.96 2.68 -2.25
C PRO C 129 11.23 3.33 -1.79
N ALA C 130 11.17 4.05 -0.67
CA ALA C 130 12.41 4.63 -0.09
C ALA C 130 13.34 3.53 0.38
N VAL C 131 14.61 3.60 -0.07
CA VAL C 131 15.62 2.55 0.14
C VAL C 131 16.85 3.24 0.74
N CYS C 132 17.53 2.55 1.68
CA CYS C 132 18.59 3.16 2.45
C CYS C 132 19.94 3.09 1.66
N MET C 133 20.71 4.15 1.82
CA MET C 133 22.06 4.33 1.23
C MET C 133 23.19 3.65 1.94
N ASP C 134 23.19 3.70 3.27
CA ASP C 134 24.32 3.24 4.01
C ASP C 134 23.84 3.16 5.46
N PRO C 135 22.97 2.18 5.72
CA PRO C 135 22.18 2.23 6.96
C PRO C 135 22.95 2.05 8.28
N GLY C 136 24.15 1.52 8.19
CA GLY C 136 25.10 1.44 9.33
C GLY C 136 25.74 2.77 9.69
N LEU C 137 25.56 3.76 8.83
CA LEU C 137 26.13 5.09 9.02
C LEU C 137 25.14 6.23 9.05
N SER C 138 24.17 6.24 8.14
CA SER C 138 23.29 7.37 8.02
C SER C 138 21.87 6.87 7.84
N ASN C 139 20.94 7.80 7.98
CA ASN C 139 19.51 7.54 7.71
C ASN C 139 19.14 7.93 6.26
N CYS C 140 20.10 8.25 5.42
CA CYS C 140 19.80 8.74 4.07
C CYS C 140 19.08 7.71 3.22
N THR C 141 18.06 8.18 2.52
CA THR C 141 17.25 7.33 1.63
C THR C 141 17.01 8.00 0.28
N ILE C 142 16.70 7.14 -0.67
CA ILE C 142 16.29 7.62 -1.97
C ILE C 142 15.15 6.82 -2.48
N HIS C 143 14.50 7.36 -3.53
CA HIS C 143 13.77 6.52 -4.41
C HIS C 143 14.64 6.27 -5.65
N ILE C 144 14.67 5.04 -6.10
CA ILE C 144 15.29 4.65 -7.36
C ILE C 144 14.18 4.65 -8.39
N VAL C 145 14.30 5.58 -9.34
CA VAL C 145 13.32 5.77 -10.34
C VAL C 145 13.84 5.37 -11.72
N THR C 146 13.21 4.38 -12.29
CA THR C 146 13.56 3.87 -13.60
C THR C 146 12.87 4.76 -14.60
N VAL C 147 13.65 5.30 -15.55
CA VAL C 147 13.09 6.23 -16.55
C VAL C 147 13.54 5.77 -17.93
N THR C 148 12.61 5.69 -18.88
CA THR C 148 12.94 5.33 -20.28
C THR C 148 13.14 6.64 -21.05
N ILE C 149 14.10 6.64 -21.95
CA ILE C 149 14.35 7.78 -22.82
C ILE C 149 14.20 7.30 -24.24
N ASN C 150 13.26 7.87 -25.02
CA ASN C 150 13.12 7.61 -26.45
C ASN C 150 14.26 8.36 -27.15
N GLY C 151 15.27 7.63 -27.50
CA GLY C 151 16.51 8.17 -28.07
C GLY C 151 16.37 8.49 -29.53
N ASP C 152 15.25 8.10 -30.13
CA ASP C 152 14.98 8.37 -31.54
C ASP C 152 14.10 9.53 -31.72
N ASP C 153 13.58 10.09 -30.63
CA ASP C 153 12.62 11.19 -30.75
C ASP C 153 13.48 12.38 -31.10
N ALA C 154 13.01 13.15 -32.07
CA ALA C 154 13.75 14.32 -32.45
C ALA C 154 14.04 15.24 -31.24
N GLU C 155 13.13 15.31 -30.25
CA GLU C 155 13.43 16.11 -29.06
C GLU C 155 14.64 15.64 -28.23
N ASN C 156 15.11 14.41 -28.43
CA ASN C 156 16.27 13.92 -27.75
C ASN C 156 17.54 13.82 -28.65
N ALA C 157 17.48 14.43 -29.83
CA ALA C 157 18.57 14.38 -30.81
C ALA C 157 19.89 14.99 -30.33
N ARG C 158 19.82 16.12 -29.63
CA ARG C 158 21.05 16.79 -29.21
C ARG C 158 20.97 17.13 -27.75
N PRO C 159 20.91 16.12 -26.87
CA PRO C 159 20.74 16.43 -25.46
C PRO C 159 21.83 17.35 -24.93
N LYS C 160 21.43 18.34 -24.15
CA LYS C 160 22.33 19.34 -23.58
C LYS C 160 22.04 19.47 -22.11
N PRO C 161 22.95 18.99 -21.24
CA PRO C 161 22.77 19.21 -19.82
C PRO C 161 22.56 20.69 -19.56
N LYS C 162 21.81 21.01 -18.53
CA LYS C 162 21.62 22.41 -18.09
C LYS C 162 21.87 22.33 -16.60
N PRO C 163 23.14 22.20 -16.21
CA PRO C 163 23.41 21.93 -14.82
C PRO C 163 23.30 23.20 -14.02
N GLY C 164 23.08 23.05 -12.73
CA GLY C 164 23.05 24.19 -11.84
C GLY C 164 24.40 24.89 -11.81
N ASP C 165 24.41 26.08 -11.23
CA ASP C 165 25.63 26.78 -10.91
C ASP C 165 26.43 25.92 -9.91
N GLY C 166 27.69 25.69 -10.20
CA GLY C 166 28.47 24.76 -9.38
C GLY C 166 28.20 23.27 -9.62
N GLU C 167 27.38 22.91 -10.62
CA GLU C 167 27.22 21.52 -11.02
C GLU C 167 28.01 21.38 -12.30
N PHE C 168 28.93 20.40 -12.33
CA PHE C 168 29.71 20.12 -13.51
C PHE C 168 29.57 18.65 -13.78
N VAL C 169 29.00 18.29 -14.91
CA VAL C 169 28.64 16.88 -15.15
C VAL C 169 29.11 16.47 -16.50
N GLU C 170 29.61 15.25 -16.64
CA GLU C 170 29.87 14.64 -17.91
C GLU C 170 28.98 13.43 -18.03
N VAL C 171 28.44 13.22 -19.20
CA VAL C 171 27.48 12.17 -19.47
C VAL C 171 28.19 11.05 -20.14
N ILE C 172 27.94 9.86 -19.64
CA ILE C 172 28.45 8.66 -20.29
C ILE C 172 27.25 7.72 -20.48
N SER C 173 27.08 7.18 -21.67
CA SER C 173 26.08 6.13 -21.91
C SER C 173 26.78 4.82 -22.23
N LEU C 174 26.47 3.76 -21.49
CA LEU C 174 27.08 2.43 -21.69
C LEU C 174 26.02 1.42 -21.98
N PRO C 175 26.29 0.40 -22.84
CA PRO C 175 25.31 -0.57 -23.23
C PRO C 175 24.93 -1.44 -22.02
N LYS C 176 23.64 -1.64 -21.87
CA LYS C 176 23.11 -2.32 -20.72
C LYS C 176 23.66 -3.75 -20.77
N ASN C 177 23.73 -4.30 -21.98
CA ASN C 177 24.20 -5.69 -22.19
C ASN C 177 25.72 -5.97 -21.99
N ASP C 178 26.49 -4.97 -21.67
CA ASP C 178 27.93 -5.12 -21.35
C ASP C 178 28.33 -4.14 -20.24
N LEU C 179 27.39 -3.81 -19.33
CA LEU C 179 27.58 -2.68 -18.42
C LEU C 179 28.80 -2.86 -17.49
N LEU C 180 28.92 -4.03 -16.87
CA LEU C 180 29.96 -4.25 -15.90
C LEU C 180 31.35 -4.14 -16.56
N GLN C 181 31.53 -4.84 -17.69
CA GLN C 181 32.82 -4.83 -18.41
C GLN C 181 33.22 -3.42 -18.79
N ARG C 182 32.25 -2.68 -19.28
CA ARG C 182 32.47 -1.31 -19.63
C ARG C 182 32.78 -0.43 -18.46
N LEU C 183 32.12 -0.64 -17.31
CA LEU C 183 32.52 0.06 -16.11
C LEU C 183 33.94 -0.31 -15.63
N ASP C 184 34.19 -1.61 -15.58
CA ASP C 184 35.52 -2.13 -15.28
C ASP C 184 36.57 -1.49 -16.20
N ALA C 185 36.25 -1.31 -17.46
CA ALA C 185 37.23 -0.70 -18.38
C ALA C 185 37.50 0.78 -18.08
N LEU C 186 36.46 1.59 -17.83
CA LEU C 186 36.65 3.01 -17.39
C LEU C 186 37.51 3.19 -16.17
N VAL C 187 37.28 2.34 -15.18
CA VAL C 187 38.00 2.26 -13.95
C VAL C 187 39.50 1.94 -14.18
N ALA C 188 39.81 1.05 -15.13
CA ALA C 188 41.22 0.73 -15.47
C ALA C 188 41.92 1.88 -16.22
N GLU C 189 41.18 2.63 -17.03
CA GLU C 189 41.77 3.72 -17.81
C GLU C 189 42.07 5.02 -17.01
N GLU C 190 41.42 5.22 -15.84
CA GLU C 190 41.44 6.52 -15.13
C GLU C 190 41.24 6.37 -13.63
N HIS C 191 41.53 7.43 -12.86
CA HIS C 191 41.25 7.43 -11.41
C HIS C 191 39.82 7.86 -11.21
N LEU C 192 38.97 6.86 -11.02
CA LEU C 192 37.55 7.12 -10.87
C LEU C 192 36.90 5.96 -10.14
N THR C 193 35.90 6.30 -9.33
CA THR C 193 35.17 5.35 -8.51
C THR C 193 33.74 5.16 -9.06
N VAL C 194 33.29 3.91 -9.17
CA VAL C 194 31.94 3.61 -9.55
C VAL C 194 31.11 3.57 -8.27
N ASP C 195 29.92 4.16 -8.35
CA ASP C 195 28.97 4.13 -7.26
C ASP C 195 28.49 2.70 -6.96
N ALA C 196 28.29 2.39 -5.70
CA ALA C 196 27.93 1.00 -5.31
C ALA C 196 26.56 0.53 -5.86
N ARG C 197 25.63 1.47 -6.04
CA ARG C 197 24.32 1.12 -6.63
C ARG C 197 24.44 0.80 -8.11
N VAL C 198 25.24 1.60 -8.83
CA VAL C 198 25.52 1.37 -10.20
C VAL C 198 26.15 -0.06 -10.38
N TYR C 199 27.13 -0.34 -9.57
CA TYR C 199 27.89 -1.57 -9.64
C TYR C 199 27.02 -2.77 -9.30
N SER C 200 26.21 -2.65 -8.27
CA SER C 200 25.18 -3.65 -7.97
C SER C 200 24.26 -3.91 -9.11
N TYR C 201 23.77 -2.84 -9.78
CA TYR C 201 22.93 -3.00 -10.92
C TYR C 201 23.67 -3.74 -12.04
N ALA C 202 24.90 -3.32 -12.32
CA ALA C 202 25.70 -3.94 -13.39
C ALA C 202 25.95 -5.45 -13.10
N LEU C 203 26.18 -5.76 -11.85
CA LEU C 203 26.45 -7.17 -11.45
C LEU C 203 25.22 -8.06 -11.70
N ALA C 204 24.05 -7.56 -11.29
CA ALA C 204 22.79 -8.33 -11.52
C ALA C 204 22.54 -8.49 -13.03
N LEU C 205 22.79 -7.44 -13.82
CA LEU C 205 22.60 -7.56 -15.23
C LEU C 205 23.42 -8.77 -15.76
N LYS C 206 24.70 -8.81 -15.40
CA LYS C 206 25.59 -9.92 -15.77
C LYS C 206 25.09 -11.26 -15.24
N HIS C 207 24.69 -11.31 -13.98
CA HIS C 207 24.22 -12.56 -13.37
C HIS C 207 22.88 -13.10 -13.86
N ALA C 208 22.01 -12.24 -14.39
CA ALA C 208 20.69 -12.66 -14.89
C ALA C 208 20.80 -13.65 -16.09
N LYS D 15 41.50 18.10 -13.50
CA LYS D 15 40.71 19.33 -13.81
C LYS D 15 40.17 19.99 -12.55
N GLN D 16 39.45 19.26 -11.67
CA GLN D 16 39.09 19.76 -10.32
C GLN D 16 39.97 19.15 -9.24
N TYR D 17 40.10 19.77 -8.06
CA TYR D 17 40.99 19.23 -6.99
C TYR D 17 40.62 19.68 -5.63
N ILE D 18 41.03 18.91 -4.62
CA ILE D 18 40.88 19.24 -3.20
C ILE D 18 41.98 20.22 -2.80
N ILE D 19 41.61 21.29 -2.13
CA ILE D 19 42.52 22.36 -1.68
C ILE D 19 42.83 22.09 -0.21
N SER D 20 41.82 21.80 0.61
CA SER D 20 42.01 21.46 2.03
C SER D 20 40.86 20.76 2.73
N GLU D 21 41.16 20.16 3.89
CA GLU D 21 40.22 19.40 4.70
C GLU D 21 40.30 19.79 6.17
N GLU D 22 39.42 20.68 6.58
CA GLU D 22 39.30 21.13 7.97
C GLU D 22 38.42 20.14 8.75
N LEU D 23 39.02 19.46 9.73
CA LEU D 23 38.26 18.66 10.68
C LEU D 23 37.26 19.57 11.39
N ILE D 24 35.99 19.15 11.45
CA ILE D 24 34.95 19.85 12.23
C ILE D 24 34.58 19.12 13.51
N SER D 25 34.40 17.82 13.45
CA SER D 25 34.11 17.07 14.67
C SER D 25 34.39 15.59 14.43
N GLU D 26 34.96 14.93 15.43
CA GLU D 26 35.54 13.59 15.28
C GLU D 26 35.12 12.72 16.45
N GLY D 27 34.30 11.71 16.18
CA GLY D 27 33.91 10.70 17.18
C GLY D 27 34.79 9.48 17.10
N LYS D 28 34.36 8.41 17.75
CA LYS D 28 35.09 7.14 17.76
C LYS D 28 35.07 6.46 16.39
N TRP D 29 33.93 6.53 15.69
CA TRP D 29 33.70 5.80 14.43
C TRP D 29 33.57 6.66 13.18
N VAL D 30 33.21 7.94 13.36
CA VAL D 30 32.72 8.82 12.29
C VAL D 30 33.23 10.23 12.55
N LYS D 31 33.68 10.92 11.50
CA LYS D 31 34.10 12.33 11.62
C LYS D 31 33.51 13.18 10.49
N LEU D 32 33.42 14.48 10.75
CA LEU D 32 32.84 15.43 9.83
C LEU D 32 33.92 16.44 9.49
N GLU D 33 33.97 16.88 8.23
CA GLU D 33 35.01 17.76 7.73
C GLU D 33 34.46 18.78 6.75
N LYS D 34 35.07 19.97 6.74
CA LYS D 34 34.78 21.00 5.74
C LYS D 34 35.83 20.91 4.62
N THR D 35 35.38 20.47 3.45
CA THR D 35 36.26 20.28 2.32
C THR D 35 36.33 21.52 1.46
N THR D 36 37.53 22.04 1.17
CA THR D 36 37.65 23.06 0.13
C THR D 36 38.20 22.51 -1.16
N TYR D 37 37.68 22.95 -2.27
CA TYR D 37 38.10 22.47 -3.58
C TYR D 37 37.97 23.51 -4.68
N MET D 38 38.54 23.23 -5.85
CA MET D 38 38.50 24.09 -7.00
C MET D 38 37.65 23.50 -8.11
N ASP D 39 36.61 24.22 -8.52
CA ASP D 39 35.79 23.81 -9.66
C ASP D 39 36.51 23.97 -11.00
N PRO D 40 35.91 23.49 -12.11
CA PRO D 40 36.70 23.52 -13.35
C PRO D 40 37.07 24.93 -13.84
N THR D 41 36.25 25.93 -13.54
CA THR D 41 36.47 27.31 -14.00
C THR D 41 37.63 28.00 -13.29
N GLY D 42 38.03 27.47 -12.12
CA GLY D 42 39.07 28.08 -11.27
C GLY D 42 38.55 28.69 -9.96
N LYS D 43 37.25 28.58 -9.70
CA LYS D 43 36.64 29.10 -8.47
C LYS D 43 36.67 28.12 -7.25
N THR D 44 36.92 28.70 -6.09
CA THR D 44 36.97 28.00 -4.81
C THR D 44 35.54 27.78 -4.32
N ARG D 45 35.22 26.55 -3.93
CA ARG D 45 33.96 26.22 -3.25
C ARG D 45 34.21 25.34 -2.01
N THR D 46 33.21 25.21 -1.13
CA THR D 46 33.33 24.21 -0.02
C THR D 46 32.24 23.13 -0.03
N TRP D 47 32.45 22.09 0.75
CA TRP D 47 31.53 20.92 0.85
C TRP D 47 31.62 20.38 2.27
N GLU D 48 30.55 19.81 2.80
CA GLU D 48 30.60 19.15 4.12
C GLU D 48 30.63 17.63 3.92
N SER D 49 31.69 16.98 4.38
CA SER D 49 32.03 15.59 4.06
C SER D 49 32.16 14.73 5.33
N VAL D 50 31.68 13.50 5.26
CA VAL D 50 31.74 12.59 6.35
C VAL D 50 32.78 11.50 5.99
N LYS D 51 33.55 11.05 6.99
CA LYS D 51 34.47 9.95 6.78
C LYS D 51 34.44 9.06 8.01
N ARG D 52 34.74 7.77 7.83
CA ARG D 52 34.96 6.86 8.96
C ARG D 52 36.36 7.02 9.48
N THR D 53 36.57 6.58 10.73
CA THR D 53 37.87 6.70 11.41
C THR D 53 38.54 5.35 11.56
N THR D 54 38.03 4.31 10.91
CA THR D 54 38.43 2.91 11.20
C THR D 54 39.30 2.39 10.06
N ALA D 60 39.53 -0.30 0.93
CA ALA D 60 38.16 0.16 1.23
C ALA D 60 37.75 0.04 2.70
N ASP D 61 36.62 0.63 3.10
CA ASP D 61 36.18 0.49 4.47
C ASP D 61 35.68 -0.93 4.78
N GLY D 62 34.89 -1.48 3.87
CA GLY D 62 34.20 -2.74 4.11
C GLY D 62 34.01 -3.58 2.89
N VAL D 63 33.27 -4.67 3.12
CA VAL D 63 32.79 -5.53 2.07
C VAL D 63 31.29 -5.70 2.22
N ALA D 64 30.62 -5.86 1.07
CA ALA D 64 29.24 -6.36 1.03
C ALA D 64 29.28 -7.63 0.22
N VAL D 65 28.53 -8.63 0.65
CA VAL D 65 28.57 -9.93 -0.02
C VAL D 65 27.24 -10.18 -0.74
N ILE D 66 27.31 -10.57 -2.02
CA ILE D 66 26.15 -11.02 -2.75
C ILE D 66 26.18 -12.57 -2.76
N PRO D 67 25.41 -13.18 -1.86
CA PRO D 67 25.56 -14.65 -1.67
C PRO D 67 24.45 -15.41 -2.43
N VAL D 68 24.88 -16.22 -3.41
CA VAL D 68 24.04 -16.98 -4.32
C VAL D 68 24.13 -18.52 -3.90
N LEU D 69 23.07 -18.98 -3.31
CA LEU D 69 22.94 -20.33 -2.72
C LEU D 69 22.44 -21.21 -3.87
N GLN D 70 23.25 -22.20 -4.23
CA GLN D 70 23.05 -22.99 -5.44
C GLN D 70 22.90 -24.44 -5.04
N ARG D 71 21.87 -25.08 -5.57
CA ARG D 71 21.62 -26.51 -5.29
C ARG D 71 21.14 -27.08 -6.60
N THR D 72 21.62 -28.26 -6.96
CA THR D 72 21.20 -28.86 -8.22
C THR D 72 19.68 -29.14 -8.17
N LEU D 73 19.08 -29.01 -9.35
CA LEU D 73 17.67 -29.22 -9.50
C LEU D 73 16.78 -28.22 -8.73
N HIS D 74 17.37 -27.08 -8.29
CA HIS D 74 16.61 -26.10 -7.53
C HIS D 74 16.89 -24.70 -8.13
N TYR D 75 16.05 -23.75 -7.81
CA TYR D 75 16.27 -22.34 -8.20
C TYR D 75 17.39 -21.79 -7.30
N GLU D 76 18.06 -20.72 -7.75
CA GLU D 76 18.99 -20.02 -6.86
C GLU D 76 18.28 -19.09 -5.92
N CYS D 77 18.91 -18.88 -4.76
CA CYS D 77 18.43 -17.93 -3.76
C CYS D 77 19.53 -16.96 -3.45
N ILE D 78 19.12 -15.77 -3.04
CA ILE D 78 20.07 -14.72 -2.67
C ILE D 78 19.86 -14.60 -1.16
N VAL D 79 20.94 -14.73 -0.43
CA VAL D 79 20.88 -14.76 1.03
C VAL D 79 21.07 -13.33 1.55
N LEU D 80 20.10 -12.79 2.23
CA LEU D 80 20.17 -11.44 2.73
C LEU D 80 20.16 -11.50 4.21
N VAL D 81 20.36 -10.35 4.88
CA VAL D 81 20.25 -10.28 6.34
C VAL D 81 19.36 -9.14 6.77
N LYS D 82 18.65 -9.28 7.89
CA LYS D 82 17.88 -8.15 8.48
C LYS D 82 18.40 -7.87 9.83
N GLN D 83 18.50 -6.58 10.14
CA GLN D 83 19.05 -6.20 11.44
C GLN D 83 18.60 -4.80 11.72
N PHE D 84 18.54 -4.45 13.01
CA PHE D 84 18.23 -3.08 13.42
C PHE D 84 19.44 -2.15 13.13
N ARG D 85 19.18 -1.02 12.46
CA ARG D 85 20.22 -0.07 12.13
C ARG D 85 19.92 1.23 12.89
N PRO D 86 20.66 1.47 13.99
CA PRO D 86 20.44 2.72 14.74
C PRO D 86 20.36 3.98 13.96
N PRO D 87 21.22 4.18 12.93
CA PRO D 87 21.05 5.40 12.20
C PRO D 87 19.68 5.53 11.47
N MET D 88 19.10 4.39 11.06
CA MET D 88 17.80 4.40 10.38
C MET D 88 16.61 4.35 11.33
N GLY D 89 16.86 4.12 12.61
CA GLY D 89 15.74 3.92 13.52
C GLY D 89 14.90 2.69 13.29
N GLY D 90 15.41 1.70 12.55
CA GLY D 90 14.55 0.59 12.18
C GLY D 90 15.36 -0.51 11.58
N TYR D 91 14.66 -1.57 11.21
CA TYR D 91 15.23 -2.74 10.64
C TYR D 91 15.43 -2.56 9.10
N CYS D 92 16.56 -3.10 8.59
CA CYS D 92 16.96 -2.96 7.24
C CYS D 92 17.28 -4.32 6.70
N ILE D 93 16.97 -4.51 5.43
CA ILE D 93 17.30 -5.75 4.74
C ILE D 93 18.43 -5.42 3.81
N GLU D 94 19.55 -6.09 4.03
CA GLU D 94 20.81 -5.83 3.37
C GLU D 94 21.50 -7.08 2.89
N PHE D 95 22.49 -6.90 2.00
CA PHE D 95 23.48 -7.94 1.72
C PHE D 95 24.31 -8.11 3.00
N PRO D 96 24.71 -9.34 3.32
CA PRO D 96 25.64 -9.47 4.50
C PRO D 96 26.93 -8.67 4.26
N ALA D 97 27.44 -8.08 5.32
CA ALA D 97 28.48 -7.02 5.12
C ALA D 97 29.17 -6.78 6.40
N GLY D 98 30.42 -6.30 6.30
CA GLY D 98 31.14 -5.86 7.51
C GLY D 98 32.41 -5.11 7.15
N LEU D 99 33.04 -4.50 8.16
CA LEU D 99 34.37 -3.87 7.94
C LEU D 99 35.44 -4.92 7.68
N ILE D 100 36.44 -4.53 6.88
CA ILE D 100 37.60 -5.34 6.62
C ILE D 100 38.59 -5.13 7.76
N ASP D 101 39.10 -6.23 8.29
CA ASP D 101 40.00 -6.20 9.47
C ASP D 101 41.39 -5.81 8.96
N ASP D 102 42.18 -5.10 9.78
CA ASP D 102 43.62 -4.83 9.46
C ASP D 102 44.32 -6.09 8.92
N GLY D 103 44.88 -5.97 7.70
CA GLY D 103 45.66 -7.05 7.07
C GLY D 103 44.89 -8.18 6.40
N GLU D 104 43.58 -8.08 6.37
CA GLU D 104 42.72 -9.11 5.79
C GLU D 104 42.36 -8.64 4.39
N THR D 105 42.33 -9.57 3.43
CA THR D 105 41.97 -9.25 2.05
C THR D 105 40.42 -9.05 1.97
N PRO D 106 39.95 -8.31 0.96
CA PRO D 106 38.47 -8.22 0.79
C PRO D 106 37.80 -9.58 0.60
N GLU D 107 38.40 -10.45 -0.21
CA GLU D 107 37.85 -11.81 -0.38
C GLU D 107 37.75 -12.56 0.93
N ALA D 108 38.76 -12.47 1.80
CA ALA D 108 38.72 -13.23 3.05
C ALA D 108 37.72 -12.59 3.97
N ALA D 109 37.63 -11.26 3.98
CA ALA D 109 36.66 -10.61 4.85
C ALA D 109 35.25 -11.05 4.42
N ALA D 110 35.06 -11.14 3.11
CA ALA D 110 33.75 -11.54 2.54
C ALA D 110 33.36 -12.94 3.02
N LEU D 111 34.24 -13.93 2.83
CA LEU D 111 33.88 -15.31 3.34
C LEU D 111 33.67 -15.34 4.87
N ARG D 112 34.45 -14.53 5.59
CA ARG D 112 34.29 -14.46 7.05
C ARG D 112 33.00 -13.87 7.48
N GLU D 113 32.68 -12.69 6.96
CA GLU D 113 31.45 -12.02 7.35
C GLU D 113 30.21 -12.84 6.88
N LEU D 114 30.30 -13.47 5.73
CA LEU D 114 29.15 -14.28 5.28
C LEU D 114 28.92 -15.45 6.29
N GLU D 115 30.00 -16.16 6.66
CA GLU D 115 29.87 -17.21 7.69
C GLU D 115 29.42 -16.66 9.05
N GLU D 116 29.99 -15.54 9.49
CA GLU D 116 29.51 -14.94 10.73
C GLU D 116 28.03 -14.59 10.76
N GLU D 117 27.54 -13.97 9.68
CA GLU D 117 26.19 -13.43 9.68
C GLU D 117 25.12 -14.44 9.22
N THR D 118 25.55 -15.44 8.48
CA THR D 118 24.62 -16.43 7.91
C THR D 118 24.91 -17.89 8.23
N GLY D 119 26.14 -18.24 8.57
CA GLY D 119 26.54 -19.65 8.73
C GLY D 119 27.11 -20.26 7.46
N TYR D 120 26.79 -19.70 6.28
CA TYR D 120 27.27 -20.33 5.06
C TYR D 120 28.78 -20.24 4.75
N LYS D 121 29.32 -21.33 4.19
CA LYS D 121 30.65 -21.41 3.68
C LYS D 121 30.61 -21.25 2.19
N GLY D 122 31.11 -20.11 1.71
CA GLY D 122 31.04 -19.76 0.31
C GLY D 122 32.33 -19.94 -0.41
N ASP D 123 32.25 -19.81 -1.70
CA ASP D 123 33.36 -19.67 -2.59
C ASP D 123 33.27 -18.33 -3.33
N ILE D 124 34.43 -17.74 -3.56
CA ILE D 124 34.56 -16.46 -4.23
C ILE D 124 34.29 -16.65 -5.71
N ALA D 125 33.30 -15.91 -6.24
CA ALA D 125 33.07 -15.85 -7.67
C ALA D 125 33.78 -14.64 -8.25
N GLU D 126 33.69 -13.47 -7.60
CA GLU D 126 34.33 -12.25 -8.10
C GLU D 126 34.29 -11.15 -7.03
N CYS D 127 35.15 -10.16 -7.22
CA CYS D 127 35.29 -9.11 -6.26
C CYS D 127 35.44 -7.78 -7.01
N SER D 128 34.63 -6.79 -6.65
CA SER D 128 34.65 -5.49 -7.33
C SER D 128 35.87 -4.70 -6.87
N PRO D 129 36.21 -3.64 -7.62
CA PRO D 129 37.08 -2.62 -7.03
C PRO D 129 36.32 -1.87 -5.95
N ALA D 130 36.99 -1.00 -5.22
CA ALA D 130 36.33 -0.24 -4.18
C ALA D 130 35.27 0.67 -4.84
N VAL D 131 34.04 0.60 -4.33
CA VAL D 131 32.91 1.38 -4.90
C VAL D 131 32.34 2.28 -3.83
N CYS D 132 31.80 3.47 -4.19
CA CYS D 132 31.38 4.43 -3.21
C CYS D 132 29.93 4.25 -2.71
N MET D 133 29.79 4.40 -1.42
CA MET D 133 28.49 4.24 -0.74
C MET D 133 27.52 5.41 -0.96
N ASP D 134 28.01 6.66 -0.88
CA ASP D 134 27.21 7.81 -1.01
C ASP D 134 28.16 9.01 -1.22
N PRO D 135 28.64 9.20 -2.47
CA PRO D 135 29.87 9.99 -2.69
C PRO D 135 29.60 11.48 -2.55
N GLY D 136 28.33 11.90 -2.62
CA GLY D 136 27.98 13.28 -2.39
C GLY D 136 27.99 13.60 -0.89
N LEU D 137 28.19 12.58 -0.04
CA LEU D 137 28.13 12.70 1.43
C LEU D 137 29.41 12.27 2.13
N SER D 138 29.86 11.04 1.89
CA SER D 138 30.97 10.44 2.58
C SER D 138 32.01 9.91 1.60
N ASN D 139 33.14 9.48 2.16
CA ASN D 139 34.20 8.93 1.34
C ASN D 139 34.11 7.42 1.41
N CYS D 140 33.02 6.87 1.95
CA CYS D 140 33.00 5.49 2.38
C CYS D 140 32.90 4.65 1.10
N THR D 141 33.64 3.53 1.12
CA THR D 141 33.70 2.60 0.02
C THR D 141 33.66 1.13 0.56
N ILE D 142 33.27 0.25 -0.33
CA ILE D 142 33.32 -1.19 -0.07
C ILE D 142 33.80 -1.90 -1.31
N HIS D 143 34.16 -3.16 -1.15
CA HIS D 143 34.22 -4.09 -2.27
C HIS D 143 32.93 -4.93 -2.19
N ILE D 144 32.28 -5.08 -3.33
CA ILE D 144 31.12 -5.98 -3.45
C ILE D 144 31.67 -7.29 -3.94
N VAL D 145 31.44 -8.35 -3.16
CA VAL D 145 32.07 -9.63 -3.42
C VAL D 145 30.96 -10.61 -3.73
N THR D 146 30.97 -11.16 -4.96
CA THR D 146 29.96 -12.15 -5.32
C THR D 146 30.46 -13.51 -4.83
N VAL D 147 29.62 -14.26 -4.12
CA VAL D 147 30.02 -15.52 -3.45
C VAL D 147 28.99 -16.59 -3.73
N THR D 148 29.43 -17.71 -4.31
CA THR D 148 28.53 -18.84 -4.55
C THR D 148 28.55 -19.75 -3.32
N ILE D 149 27.39 -20.27 -2.94
CA ILE D 149 27.26 -21.16 -1.78
C ILE D 149 26.82 -22.48 -2.39
N ASN D 150 27.58 -23.53 -2.17
CA ASN D 150 27.23 -24.89 -2.67
C ASN D 150 26.34 -25.47 -1.62
N GLY D 151 25.01 -25.33 -1.81
CA GLY D 151 24.04 -25.78 -0.86
C GLY D 151 23.92 -27.33 -0.90
N ASP D 152 24.55 -28.00 -1.87
CA ASP D 152 24.64 -29.51 -1.85
C ASP D 152 25.87 -30.08 -1.07
N ASP D 153 26.52 -29.26 -0.25
CA ASP D 153 27.61 -29.70 0.63
C ASP D 153 27.11 -29.73 2.06
N ALA D 154 27.47 -30.78 2.80
CA ALA D 154 26.97 -31.00 4.14
C ALA D 154 27.14 -29.77 5.04
N GLU D 155 28.28 -29.09 4.92
CA GLU D 155 28.53 -27.92 5.77
C GLU D 155 27.50 -26.81 5.57
N ASN D 156 26.93 -26.72 4.37
CA ASN D 156 25.87 -25.77 4.05
C ASN D 156 24.44 -26.29 4.18
N ALA D 157 24.24 -27.46 4.79
CA ALA D 157 22.91 -28.07 4.93
C ALA D 157 22.00 -27.24 5.82
N ARG D 158 22.46 -26.93 7.03
CA ARG D 158 21.64 -26.14 7.97
C ARG D 158 22.49 -25.32 8.93
N PRO D 159 23.49 -24.58 8.40
CA PRO D 159 24.35 -23.79 9.30
C PRO D 159 23.59 -22.66 10.00
N LYS D 160 24.15 -22.20 11.12
CA LYS D 160 23.64 -21.05 11.91
C LYS D 160 24.70 -19.94 12.02
N PRO D 161 24.26 -18.67 12.11
CA PRO D 161 25.25 -17.58 12.21
C PRO D 161 26.06 -17.72 13.49
N LYS D 162 27.28 -17.17 13.53
CA LYS D 162 27.98 -16.91 14.80
C LYS D 162 28.25 -15.40 14.93
N PRO D 163 27.27 -14.66 15.47
CA PRO D 163 27.48 -13.22 15.53
C PRO D 163 28.45 -12.82 16.64
N GLY D 164 29.19 -11.73 16.38
CA GLY D 164 29.92 -11.05 17.44
C GLY D 164 29.00 -10.44 18.50
N ASP D 165 29.61 -9.77 19.47
CA ASP D 165 28.88 -9.15 20.57
C ASP D 165 28.12 -7.94 20.03
N GLY D 166 26.85 -7.80 20.42
CA GLY D 166 25.99 -6.72 19.94
C GLY D 166 25.59 -6.76 18.47
N GLU D 167 25.76 -7.93 17.81
CA GLU D 167 25.41 -8.11 16.39
C GLU D 167 24.24 -9.07 16.44
N PHE D 168 23.11 -8.64 15.89
CA PHE D 168 21.86 -9.40 15.98
C PHE D 168 21.26 -9.47 14.59
N VAL D 169 21.38 -10.62 13.93
CA VAL D 169 21.05 -10.71 12.50
C VAL D 169 20.03 -11.82 12.24
N GLU D 170 19.03 -11.55 11.38
CA GLU D 170 18.09 -12.57 10.90
C GLU D 170 18.43 -12.83 9.44
N VAL D 171 18.64 -14.08 9.05
CA VAL D 171 18.92 -14.46 7.65
C VAL D 171 17.57 -14.49 6.97
N ILE D 172 17.53 -13.97 5.75
CA ILE D 172 16.34 -13.95 4.89
C ILE D 172 16.83 -14.38 3.54
N SER D 173 16.49 -15.59 3.16
CA SER D 173 16.93 -16.16 1.91
C SER D 173 15.75 -16.01 0.95
N LEU D 174 15.94 -15.40 -0.21
CA LEU D 174 14.84 -15.15 -1.15
C LEU D 174 15.18 -15.72 -2.52
N PRO D 175 14.17 -16.25 -3.23
CA PRO D 175 14.48 -16.72 -4.54
C PRO D 175 14.94 -15.60 -5.44
N LYS D 176 16.02 -15.88 -6.16
CA LYS D 176 16.63 -14.98 -7.07
C LYS D 176 15.60 -14.54 -8.16
N ASN D 177 14.80 -15.51 -8.60
CA ASN D 177 13.89 -15.35 -9.71
C ASN D 177 12.68 -14.44 -9.47
N ASP D 178 12.39 -14.11 -8.23
CA ASP D 178 11.34 -13.24 -7.97
C ASP D 178 11.75 -12.22 -6.92
N LEU D 179 13.03 -11.85 -6.92
CA LEU D 179 13.58 -11.08 -5.82
C LEU D 179 12.93 -9.76 -5.63
N LEU D 180 12.74 -9.00 -6.73
CA LEU D 180 12.13 -7.71 -6.63
C LEU D 180 10.74 -7.77 -6.02
N GLN D 181 9.92 -8.74 -6.47
CA GLN D 181 8.52 -8.83 -5.99
C GLN D 181 8.53 -9.13 -4.50
N ARG D 182 9.44 -10.01 -4.12
CA ARG D 182 9.53 -10.41 -2.73
C ARG D 182 9.94 -9.30 -1.87
N LEU D 183 10.89 -8.51 -2.31
CA LEU D 183 11.25 -7.27 -1.57
C LEU D 183 10.14 -6.25 -1.48
N ASP D 184 9.45 -6.05 -2.58
CA ASP D 184 8.30 -5.14 -2.55
C ASP D 184 7.23 -5.62 -1.55
N ALA D 185 7.02 -6.93 -1.48
CA ALA D 185 5.99 -7.54 -0.60
C ALA D 185 6.41 -7.34 0.87
N LEU D 186 7.69 -7.50 1.16
CA LEU D 186 8.20 -7.23 2.51
C LEU D 186 7.95 -5.84 2.96
N VAL D 187 8.19 -4.87 2.06
CA VAL D 187 8.05 -3.47 2.33
C VAL D 187 6.61 -3.06 2.53
N ALA D 188 5.69 -3.75 1.85
CA ALA D 188 4.30 -3.42 1.90
C ALA D 188 3.68 -3.88 3.23
N GLU D 189 4.29 -4.91 3.82
CA GLU D 189 3.70 -5.57 4.98
C GLU D 189 4.44 -5.31 6.28
N GLU D 190 5.74 -5.01 6.21
CA GLU D 190 6.58 -4.99 7.44
C GLU D 190 7.32 -3.70 7.60
N HIS D 191 7.60 -3.39 8.87
CA HIS D 191 8.24 -2.14 9.27
C HIS D 191 9.72 -2.40 8.98
N LEU D 192 10.12 -2.16 7.75
CA LEU D 192 11.58 -2.31 7.47
C LEU D 192 11.90 -1.54 6.22
N THR D 193 13.20 -1.37 5.95
CA THR D 193 13.68 -0.65 4.78
C THR D 193 14.65 -1.58 4.01
N VAL D 194 14.55 -1.61 2.68
CA VAL D 194 15.42 -2.45 1.90
C VAL D 194 16.57 -1.52 1.53
N ASP D 195 17.75 -2.09 1.47
CA ASP D 195 18.95 -1.38 1.07
C ASP D 195 18.93 -1.07 -0.43
N ALA D 196 19.42 0.10 -0.79
CA ALA D 196 19.48 0.54 -2.15
C ALA D 196 20.30 -0.33 -3.09
N ARG D 197 21.32 -0.98 -2.56
N ARG D 197 21.39 -0.92 -2.57
CA ARG D 197 22.15 -1.83 -3.38
CA ARG D 197 22.21 -1.86 -3.36
C ARG D 197 21.48 -3.18 -3.62
C ARG D 197 21.39 -3.11 -3.65
N VAL D 198 20.74 -3.68 -2.63
CA VAL D 198 19.90 -4.88 -2.80
C VAL D 198 18.74 -4.59 -3.83
N TYR D 199 18.14 -3.43 -3.73
CA TYR D 199 17.05 -3.07 -4.59
C TYR D 199 17.56 -2.87 -6.05
N SER D 200 18.72 -2.26 -6.17
CA SER D 200 19.33 -2.03 -7.50
C SER D 200 19.65 -3.34 -8.14
N TYR D 201 20.23 -4.29 -7.37
CA TYR D 201 20.43 -5.68 -7.85
C TYR D 201 19.15 -6.31 -8.30
N ALA D 202 18.12 -6.26 -7.46
CA ALA D 202 16.81 -6.81 -7.75
C ALA D 202 16.14 -6.22 -9.06
N LEU D 203 16.23 -4.90 -9.21
CA LEU D 203 15.82 -4.25 -10.42
C LEU D 203 16.48 -4.73 -11.68
N ALA D 204 17.80 -4.86 -11.66
CA ALA D 204 18.55 -5.27 -12.81
C ALA D 204 18.23 -6.73 -13.18
N LEU D 205 17.89 -7.58 -12.21
CA LEU D 205 17.45 -8.98 -12.59
C LEU D 205 16.19 -8.96 -13.47
N LYS D 206 15.36 -7.93 -13.29
CA LYS D 206 14.22 -7.71 -14.14
C LYS D 206 14.56 -7.01 -15.44
N HIS D 207 15.42 -5.99 -15.36
CA HIS D 207 15.76 -5.19 -16.55
C HIS D 207 16.63 -5.89 -17.59
N ALA D 208 17.42 -6.87 -17.14
CA ALA D 208 18.26 -7.67 -18.03
C ALA D 208 17.54 -8.25 -19.22
N ASN D 209 18.28 -8.29 -20.32
CA ASN D 209 17.85 -8.50 -21.75
C ASN D 209 17.69 -7.21 -22.59
MG MG E . -20.57 -15.60 6.74
MG MG F . -20.27 -17.96 8.81
CL CL G . -12.48 13.38 -0.97
N1 K2J H . -38.79 -0.51 -5.34
C4 K2J H . -41.47 -0.05 -5.06
C5 K2J H . -43.56 1.30 -5.45
N K2J H . -39.07 -2.47 -4.08
C K2J H . -37.65 -2.77 -4.18
O K2J H . -42.82 0.15 -4.97
C1 K2J H . -39.63 -1.38 -4.66
C2 K2J H . -39.34 0.60 -5.85
C3 K2J H . -40.66 0.91 -5.76
N2 K2J H . -40.98 -1.21 -4.48
C1 EDO I . -27.40 -9.66 6.17
O1 EDO I . -28.26 -9.18 7.21
C2 EDO I . -26.86 -10.97 6.65
O2 EDO I . -26.77 -10.84 8.07
C1 EDO J . -13.16 24.38 -2.83
O1 EDO J . -14.10 23.96 -3.82
C2 EDO J . -13.56 25.77 -2.31
O2 EDO J . -14.90 25.75 -1.75
MG MG K . -32.85 7.76 -3.78
MG MG L . -34.55 9.49 -7.69
C1 EDO M . 9.27 11.25 -26.51
O1 EDO M . 10.57 11.52 -25.95
C2 EDO M . 8.34 10.56 -25.52
O2 EDO M . 8.05 11.37 -24.37
MG MG N . 22.11 17.09 -8.34
MG MG O . 23.13 15.32 -8.81
N1 K2J P . 25.76 18.66 0.44
C4 K2J P . 27.40 20.88 0.38
C5 K2J P . 28.03 23.19 -0.37
N K2J P . 27.17 17.79 2.15
C K2J P . 26.39 16.55 2.26
O K2J P . 28.18 22.01 0.43
C1 K2J P . 26.85 18.80 1.27
C2 K2J P . 25.52 19.66 -0.44
C3 K2J P . 26.30 20.80 -0.56
N2 K2J P . 27.72 19.90 1.30
MG MG Q . 27.45 -6.69 9.21
MG MG R . 29.16 -6.68 10.36
N1 K2J S . 29.98 2.34 13.30
C4 K2J S . 29.21 2.41 15.99
C5 K2J S . 29.13 1.41 18.29
N K2J S . 29.00 4.52 13.13
C K2J S . 29.26 4.50 11.69
O K2J S . 28.88 2.46 17.32
C1 K2J S . 29.32 3.44 13.91
C2 K2J S . 30.21 1.29 14.11
C3 K2J S . 29.86 1.23 15.46
N2 K2J S . 28.93 3.54 15.25
#